data_8S73
#
_entry.id   8S73
#
_cell.length_a   100.525
_cell.length_b   100.525
_cell.length_c   194.767
_cell.angle_alpha   90.00
_cell.angle_beta   90.00
_cell.angle_gamma   120.00
#
_symmetry.space_group_name_H-M   'P 3 2 1'
#
loop_
_entity.id
_entity.type
_entity.pdbx_description
1 polymer G2D11(VH-CH1)
2 polymer antiCD43(VL-CL)
3 polymer 'bis-Tn glycopeptide'
4 non-polymer GLYCEROL
5 non-polymer 2-acetamido-2-deoxy-alpha-D-galactopyranose
6 water water
#
loop_
_entity_poly.entity_id
_entity_poly.type
_entity_poly.pdbx_seq_one_letter_code
_entity_poly.pdbx_strand_id
1 'polypeptide(L)'
;QVQLQQSDAELVKPGASVKISCKASGYIFADHAIHWVKRKPEQGLEWIGYISPGNDDIKYNEKFKGKATLTADKSSSTAY
MQLNSLTSEDSAVYFCKRSLPGTFDYWGQGTTLTVSSAKTTPPSVYPLAPGSAAQTNSMVTLGCLVKGYFPEPVTVTWNS
GSLSSGVHTFPAVLQSDLYTLSSSVTVPSSTWPSETVTCNVAHPASSTKVDKKIVP
;
A,C
2 'polypeptide(L)'
;DYKDIQMTQSPASLSASVGETVTITCRASENIYSYLAWYQQKQGKSPQLLVYNAKTLAEGVPSRFSGSGSGTQFSLKINS
LQPEDFGSYYCQHHYGTPYTFGGGTKLEIKRADAAPTVSIFPPSSEQLTSGGASVVCFLNNFYPKDINVKWKIDGSERQN
GVLNSWTDQDSKDSTYSMSSTLTLTKDEYERHNSYTCEATHKTSTSPIVKSFNR
;
B,D
3 'polypeptide(L)' GASTGSP M,N
#
loop_
_chem_comp.id
_chem_comp.type
_chem_comp.name
_chem_comp.formula
A2G D-saccharide, alpha linking 2-acetamido-2-deoxy-alpha-D-galactopyranose 'C8 H15 N O6'
GOL non-polymer GLYCEROL 'C3 H8 O3'
#
# COMPACT_ATOMS: atom_id res chain seq x y z
N GLN A 1 12.99 -7.29 -37.85
CA GLN A 1 12.43 -6.69 -39.10
C GLN A 1 11.00 -6.20 -38.82
N VAL A 2 10.40 -6.63 -37.72
CA VAL A 2 9.02 -6.23 -37.30
C VAL A 2 9.01 -4.73 -36.98
N GLN A 3 8.01 -4.01 -37.50
CA GLN A 3 7.84 -2.55 -37.33
C GLN A 3 6.35 -2.22 -37.29
N LEU A 4 5.96 -1.35 -36.37
CA LEU A 4 4.62 -0.70 -36.34
C LEU A 4 4.83 0.82 -36.45
N GLN A 5 4.63 1.38 -37.64
CA GLN A 5 4.92 2.80 -37.93
C GLN A 5 3.70 3.66 -37.55
N GLN A 6 3.95 4.63 -36.66
CA GLN A 6 2.99 5.66 -36.22
C GLN A 6 3.61 7.04 -36.42
N SER A 7 2.83 8.03 -36.85
CA SER A 7 3.33 9.43 -36.89
C SER A 7 3.55 9.90 -35.45
N ASP A 8 4.55 10.77 -35.26
CA ASP A 8 4.95 11.25 -33.93
C ASP A 8 3.79 12.11 -33.36
N ALA A 9 3.06 12.80 -34.21
CA ALA A 9 2.19 13.92 -33.79
C ALA A 9 0.97 14.04 -34.70
N GLU A 10 -0.18 14.29 -34.08
CA GLU A 10 -1.43 14.76 -34.70
C GLU A 10 -1.92 15.97 -33.92
N LEU A 11 -2.28 17.02 -34.64
CA LEU A 11 -2.91 18.24 -34.06
C LEU A 11 -4.28 18.40 -34.71
N VAL A 12 -5.32 18.54 -33.90
CA VAL A 12 -6.73 18.56 -34.35
C VAL A 12 -7.52 19.51 -33.46
N LYS A 13 -8.43 20.30 -34.06
CA LYS A 13 -9.30 21.27 -33.36
C LYS A 13 -10.27 20.51 -32.46
N PRO A 14 -10.68 21.07 -31.30
CA PRO A 14 -11.75 20.48 -30.52
C PRO A 14 -13.01 20.26 -31.36
N GLY A 15 -13.76 19.21 -31.02
CA GLY A 15 -14.99 18.76 -31.71
C GLY A 15 -14.73 18.04 -33.02
N ALA A 16 -13.52 18.06 -33.57
CA ALA A 16 -13.20 17.38 -34.86
C ALA A 16 -12.87 15.91 -34.60
N SER A 17 -12.57 15.18 -35.68
CA SER A 17 -12.16 13.75 -35.68
C SER A 17 -10.72 13.62 -36.18
N VAL A 18 -10.04 12.57 -35.75
CA VAL A 18 -8.67 12.20 -36.22
C VAL A 18 -8.64 10.70 -36.48
N LYS A 19 -7.91 10.28 -37.51
CA LYS A 19 -7.68 8.87 -37.86
C LYS A 19 -6.18 8.61 -37.74
N ILE A 20 -5.77 7.97 -36.65
CA ILE A 20 -4.35 7.60 -36.35
C ILE A 20 -4.08 6.28 -37.06
N SER A 21 -2.99 6.24 -37.82
CA SER A 21 -2.57 5.07 -38.62
C SER A 21 -1.47 4.32 -37.87
N CYS A 22 -1.49 2.99 -38.00
CA CYS A 22 -0.49 2.04 -37.49
C CYS A 22 -0.13 1.12 -38.66
N LYS A 23 1.00 1.37 -39.32
CA LYS A 23 1.42 0.61 -40.53
C LYS A 23 2.36 -0.52 -40.10
N ALA A 24 1.91 -1.76 -40.26
CA ALA A 24 2.67 -2.98 -39.89
C ALA A 24 3.51 -3.46 -41.07
N SER A 25 4.78 -3.81 -40.82
CA SER A 25 5.65 -4.52 -41.78
C SER A 25 6.61 -5.49 -41.05
N GLY A 26 7.15 -6.46 -41.79
CA GLY A 26 8.10 -7.49 -41.28
C GLY A 26 7.42 -8.81 -40.94
N TYR A 27 6.11 -8.94 -41.16
CA TYR A 27 5.29 -10.14 -40.78
C TYR A 27 3.97 -10.07 -41.56
N ILE A 28 3.22 -11.17 -41.65
CA ILE A 28 1.88 -11.18 -42.32
C ILE A 28 0.88 -10.49 -41.39
N PHE A 29 0.28 -9.39 -41.88
CA PHE A 29 -0.66 -8.51 -41.14
C PHE A 29 -1.78 -9.31 -40.48
N ALA A 30 -2.33 -10.30 -41.20
CA ALA A 30 -3.57 -11.02 -40.79
C ALA A 30 -3.27 -11.97 -39.62
N ASP A 31 -2.00 -12.24 -39.31
CA ASP A 31 -1.58 -13.19 -38.23
C ASP A 31 -1.85 -12.64 -36.82
N HIS A 32 -1.93 -11.33 -36.64
CA HIS A 32 -2.02 -10.72 -35.28
C HIS A 32 -3.02 -9.56 -35.22
N ALA A 33 -3.80 -9.54 -34.15
CA ALA A 33 -4.61 -8.39 -33.72
C ALA A 33 -3.70 -7.19 -33.42
N ILE A 34 -4.22 -6.00 -33.66
CA ILE A 34 -3.59 -4.68 -33.34
C ILE A 34 -4.45 -4.03 -32.26
N HIS A 35 -3.83 -3.77 -31.11
CA HIS A 35 -4.48 -3.16 -29.93
C HIS A 35 -4.11 -1.69 -29.89
N TRP A 36 -5.01 -0.88 -29.34
CA TRP A 36 -4.80 0.56 -29.07
C TRP A 36 -4.83 0.85 -27.57
N VAL A 37 -3.84 1.61 -27.13
CA VAL A 37 -3.57 1.94 -25.71
C VAL A 37 -3.34 3.45 -25.61
N LYS A 38 -3.99 4.09 -24.64
CA LYS A 38 -3.86 5.53 -24.35
C LYS A 38 -2.92 5.71 -23.15
N ARG A 39 -1.94 6.59 -23.29
CA ARG A 39 -0.99 7.00 -22.23
C ARG A 39 -1.15 8.52 -22.09
N LYS A 40 -1.81 8.93 -21.00
CA LYS A 40 -2.02 10.35 -20.63
C LYS A 40 -1.29 10.61 -19.32
N PRO A 41 -0.46 11.68 -19.22
CA PRO A 41 0.21 12.02 -17.96
C PRO A 41 -0.73 11.90 -16.73
N GLU A 42 -0.29 11.12 -15.72
CA GLU A 42 -1.04 10.87 -14.45
C GLU A 42 -2.36 10.11 -14.70
N GLN A 43 -2.52 9.44 -15.83
CA GLN A 43 -3.65 8.49 -16.03
C GLN A 43 -3.12 7.14 -16.51
N GLY A 44 -1.85 6.83 -16.19
CA GLY A 44 -1.15 5.57 -16.52
C GLY A 44 -1.46 5.08 -17.91
N LEU A 45 -1.88 3.81 -18.05
CA LEU A 45 -2.19 3.20 -19.38
C LEU A 45 -3.64 2.75 -19.40
N GLU A 46 -4.29 2.81 -20.56
CA GLU A 46 -5.72 2.48 -20.70
C GLU A 46 -5.93 1.81 -22.06
N TRP A 47 -6.44 0.58 -22.03
CA TRP A 47 -6.70 -0.25 -23.23
C TRP A 47 -7.98 0.25 -23.92
N ILE A 48 -7.93 0.50 -25.22
CA ILE A 48 -9.03 1.16 -25.96
C ILE A 48 -9.86 0.10 -26.71
N GLY A 49 -9.18 -0.79 -27.43
CA GLY A 49 -9.79 -1.83 -28.27
C GLY A 49 -8.74 -2.57 -29.07
N TYR A 50 -9.13 -3.65 -29.77
CA TYR A 50 -8.29 -4.31 -30.79
C TYR A 50 -9.10 -4.48 -32.06
N ILE A 51 -8.39 -4.55 -33.18
CA ILE A 51 -8.95 -5.10 -34.45
C ILE A 51 -8.05 -6.26 -34.84
N SER A 52 -8.63 -7.46 -34.91
CA SER A 52 -8.00 -8.69 -35.46
C SER A 52 -8.32 -8.76 -36.95
N PRO A 53 -7.40 -8.32 -37.84
CA PRO A 53 -7.72 -8.19 -39.25
C PRO A 53 -8.02 -9.53 -39.96
N GLY A 54 -7.39 -10.61 -39.49
CA GLY A 54 -7.51 -11.97 -40.07
C GLY A 54 -8.96 -12.44 -40.13
N ASN A 55 -9.75 -12.10 -39.12
CA ASN A 55 -11.11 -12.66 -38.88
C ASN A 55 -12.15 -11.53 -38.66
N ASP A 56 -11.80 -10.27 -38.92
CA ASP A 56 -12.70 -9.09 -38.79
C ASP A 56 -13.33 -9.04 -37.38
N ASP A 57 -12.57 -9.39 -36.35
CA ASP A 57 -13.00 -9.31 -34.94
C ASP A 57 -12.51 -7.97 -34.38
N ILE A 58 -13.44 -7.11 -33.97
CA ILE A 58 -13.19 -5.76 -33.38
C ILE A 58 -13.81 -5.74 -31.99
N LYS A 59 -13.05 -5.37 -30.97
CA LYS A 59 -13.54 -5.33 -29.57
C LYS A 59 -13.15 -3.97 -28.99
N TYR A 60 -14.05 -3.35 -28.24
CA TYR A 60 -13.89 -1.99 -27.65
C TYR A 60 -14.01 -2.10 -26.13
N ASN A 61 -13.20 -1.34 -25.41
CA ASN A 61 -13.49 -0.94 -24.02
C ASN A 61 -14.80 -0.15 -24.10
N GLU A 62 -15.77 -0.40 -23.21
CA GLU A 62 -17.11 0.26 -23.25
C GLU A 62 -16.97 1.79 -23.17
N LYS A 63 -16.06 2.32 -22.36
CA LYS A 63 -15.74 3.77 -22.24
C LYS A 63 -15.51 4.42 -23.62
N PHE A 64 -14.98 3.70 -24.61
CA PHE A 64 -14.53 4.25 -25.92
C PHE A 64 -15.47 3.82 -27.05
N LYS A 65 -16.69 3.36 -26.76
CA LYS A 65 -17.62 2.78 -27.76
C LYS A 65 -17.99 3.82 -28.84
N GLY A 66 -18.58 4.94 -28.44
CA GLY A 66 -18.91 6.04 -29.38
C GLY A 66 -17.68 6.85 -29.79
N LYS A 67 -16.66 6.89 -28.92
CA LYS A 67 -15.42 7.70 -29.04
C LYS A 67 -14.51 7.17 -30.16
N ALA A 68 -14.24 5.86 -30.16
CA ALA A 68 -13.20 5.17 -30.99
C ALA A 68 -13.87 4.29 -32.04
N THR A 69 -13.28 4.22 -33.22
CA THR A 69 -13.71 3.39 -34.37
C THR A 69 -12.45 2.77 -35.01
N LEU A 70 -12.33 1.44 -34.93
CA LEU A 70 -11.14 0.70 -35.43
C LEU A 70 -11.49 0.13 -36.80
N THR A 71 -10.53 0.22 -37.73
CA THR A 71 -10.61 -0.34 -39.08
C THR A 71 -9.21 -0.79 -39.47
N ALA A 72 -9.12 -1.56 -40.55
CA ALA A 72 -7.84 -2.03 -41.11
C ALA A 72 -7.98 -1.99 -42.64
N ASP A 73 -6.95 -1.52 -43.34
CA ASP A 73 -6.78 -1.77 -44.79
C ASP A 73 -5.84 -2.97 -44.93
N LYS A 74 -6.39 -4.18 -45.09
CA LYS A 74 -5.62 -5.44 -45.25
C LYS A 74 -4.59 -5.26 -46.37
N SER A 75 -4.95 -4.62 -47.50
CA SER A 75 -4.10 -4.49 -48.72
C SER A 75 -2.81 -3.70 -48.41
N SER A 76 -2.86 -2.65 -47.59
CA SER A 76 -1.65 -1.85 -47.19
C SER A 76 -1.21 -2.17 -45.75
N SER A 77 -1.78 -3.23 -45.15
CA SER A 77 -1.48 -3.75 -43.79
C SER A 77 -1.29 -2.59 -42.81
N THR A 78 -2.35 -1.80 -42.67
CA THR A 78 -2.42 -0.58 -41.82
C THR A 78 -3.67 -0.71 -40.96
N ALA A 79 -3.52 -0.64 -39.64
CA ALA A 79 -4.64 -0.49 -38.68
C ALA A 79 -4.91 1.00 -38.49
N TYR A 80 -6.18 1.38 -38.40
CA TYR A 80 -6.61 2.78 -38.14
C TYR A 80 -7.41 2.80 -36.84
N MET A 81 -7.19 3.82 -36.03
CA MET A 81 -8.10 4.23 -34.94
C MET A 81 -8.58 5.65 -35.23
N GLN A 82 -9.90 5.86 -35.26
CA GLN A 82 -10.53 7.18 -35.40
C GLN A 82 -11.12 7.56 -34.05
N LEU A 83 -10.67 8.68 -33.46
CA LEU A 83 -11.33 9.33 -32.30
C LEU A 83 -12.28 10.43 -32.84
N ASN A 84 -13.48 10.54 -32.23
CA ASN A 84 -14.60 11.42 -32.63
C ASN A 84 -14.81 12.47 -31.54
N SER A 85 -15.22 13.69 -31.92
CA SER A 85 -15.72 14.73 -30.98
C SER A 85 -14.64 15.05 -29.96
N LEU A 86 -13.46 15.42 -30.46
CA LEU A 86 -12.25 15.47 -29.61
C LEU A 86 -12.35 16.62 -28.63
N THR A 87 -11.86 16.41 -27.41
CA THR A 87 -11.77 17.43 -26.35
C THR A 87 -10.33 17.40 -25.83
N SER A 88 -9.96 18.34 -24.98
CA SER A 88 -8.63 18.40 -24.36
C SER A 88 -8.36 17.11 -23.58
N GLU A 89 -9.40 16.41 -23.11
CA GLU A 89 -9.26 15.13 -22.35
C GLU A 89 -8.66 14.05 -23.25
N ASP A 90 -8.92 14.11 -24.55
CA ASP A 90 -8.41 13.17 -25.55
C ASP A 90 -6.92 13.43 -25.88
N SER A 91 -6.36 14.58 -25.49
CA SER A 91 -4.92 14.86 -25.73
C SER A 91 -4.12 13.81 -24.93
N ALA A 92 -3.23 13.10 -25.61
CA ALA A 92 -2.52 11.96 -25.01
C ALA A 92 -1.60 11.33 -26.06
N VAL A 93 -0.75 10.37 -25.64
CA VAL A 93 0.00 9.46 -26.53
C VAL A 93 -0.86 8.21 -26.77
N TYR A 94 -1.14 7.92 -28.03
CA TYR A 94 -1.88 6.71 -28.48
C TYR A 94 -0.89 5.75 -29.14
N PHE A 95 -0.68 4.62 -28.49
CA PHE A 95 0.10 3.47 -29.00
C PHE A 95 -0.81 2.49 -29.72
N CYS A 96 -0.32 1.98 -30.83
CA CYS A 96 -0.76 0.70 -31.39
C CYS A 96 0.29 -0.31 -30.98
N LYS A 97 -0.10 -1.57 -30.87
CA LYS A 97 0.72 -2.66 -30.29
C LYS A 97 0.16 -3.96 -30.88
N ARG A 98 1.03 -4.93 -31.11
CA ARG A 98 0.64 -6.22 -31.73
C ARG A 98 0.35 -7.26 -30.65
N SER A 99 -0.69 -8.05 -30.89
CA SER A 99 -0.99 -9.33 -30.19
C SER A 99 -1.30 -9.02 -28.73
N LEU A 100 -1.43 -10.09 -27.95
CA LEU A 100 -1.52 -10.06 -26.48
C LEU A 100 -0.10 -10.14 -25.91
N PRO A 101 0.10 -9.87 -24.60
CA PRO A 101 1.41 -10.10 -23.98
C PRO A 101 1.83 -11.55 -24.27
N GLY A 102 3.06 -11.72 -24.74
CA GLY A 102 3.57 -12.99 -25.28
C GLY A 102 4.74 -12.73 -26.20
N THR A 103 5.11 -13.75 -26.93
CA THR A 103 6.24 -13.78 -27.88
C THR A 103 6.06 -12.72 -28.99
N PHE A 104 4.82 -12.33 -29.32
CA PHE A 104 4.50 -11.44 -30.47
C PHE A 104 4.33 -9.98 -30.05
N ASP A 105 4.42 -9.71 -28.74
CA ASP A 105 4.24 -8.37 -28.14
C ASP A 105 5.16 -7.42 -28.86
N TYR A 106 4.64 -6.34 -29.45
CA TYR A 106 5.43 -5.30 -30.15
C TYR A 106 4.66 -3.98 -30.18
N TRP A 107 5.34 -2.87 -29.88
CA TRP A 107 4.71 -1.53 -29.70
C TRP A 107 5.20 -0.55 -30.77
N GLY A 108 4.29 0.24 -31.33
CA GLY A 108 4.63 1.46 -32.08
C GLY A 108 5.29 2.48 -31.18
N GLN A 109 5.78 3.56 -31.77
CA GLN A 109 6.52 4.67 -31.09
C GLN A 109 5.53 5.49 -30.26
N GLY A 110 4.27 5.49 -30.69
CA GLY A 110 3.20 6.31 -30.10
C GLY A 110 2.97 7.57 -30.92
N THR A 111 1.72 7.98 -31.05
CA THR A 111 1.29 9.23 -31.71
C THR A 111 0.84 10.20 -30.64
N THR A 112 1.50 11.34 -30.51
CA THR A 112 1.08 12.41 -29.58
C THR A 112 -0.06 13.18 -30.25
N LEU A 113 -1.28 12.97 -29.79
CA LEU A 113 -2.50 13.71 -30.19
C LEU A 113 -2.62 14.91 -29.27
N THR A 114 -2.59 16.12 -29.83
CA THR A 114 -2.85 17.41 -29.12
C THR A 114 -4.20 17.92 -29.63
N VAL A 115 -5.17 18.16 -28.76
CA VAL A 115 -6.47 18.72 -29.20
C VAL A 115 -6.46 20.21 -28.90
N SER A 116 -6.42 21.07 -29.91
CA SER A 116 -6.14 22.53 -29.75
C SER A 116 -6.52 23.31 -31.01
N SER A 117 -6.95 24.55 -30.81
CA SER A 117 -7.24 25.53 -31.88
C SER A 117 -5.93 26.05 -32.45
N ALA A 118 -4.86 26.07 -31.64
CA ALA A 118 -3.52 26.60 -32.01
C ALA A 118 -2.95 25.84 -33.20
N LYS A 119 -2.03 26.46 -33.93
CA LYS A 119 -1.55 25.87 -35.21
C LYS A 119 -0.08 25.49 -35.06
N THR A 120 0.36 24.56 -35.89
CA THR A 120 1.72 24.02 -35.78
C THR A 120 2.69 25.18 -36.08
N THR A 121 3.70 25.32 -35.22
CA THR A 121 4.77 26.34 -35.34
C THR A 121 6.10 25.65 -35.08
N PRO A 122 7.10 25.82 -35.95
CA PRO A 122 8.42 25.27 -35.69
C PRO A 122 9.11 26.01 -34.54
N PRO A 123 10.08 25.36 -33.86
CA PRO A 123 10.76 25.96 -32.73
C PRO A 123 11.77 27.01 -33.20
N SER A 124 12.06 27.99 -32.36
CA SER A 124 13.32 28.78 -32.45
C SER A 124 14.34 28.06 -31.56
N VAL A 125 15.57 27.94 -32.02
CA VAL A 125 16.62 27.27 -31.23
C VAL A 125 17.70 28.30 -30.94
N TYR A 126 17.94 28.53 -29.65
CA TYR A 126 18.84 29.59 -29.16
C TYR A 126 20.01 28.93 -28.44
N PRO A 127 21.27 29.29 -28.73
CA PRO A 127 22.41 28.78 -27.99
C PRO A 127 22.47 29.31 -26.56
N LEU A 128 22.79 28.42 -25.61
CA LEU A 128 23.19 28.79 -24.24
C LEU A 128 24.70 28.53 -24.09
N ALA A 129 25.49 29.59 -24.20
CA ALA A 129 26.96 29.60 -24.09
C ALA A 129 27.37 30.27 -22.78
N PRO A 130 28.35 29.68 -22.06
CA PRO A 130 28.80 30.19 -20.76
C PRO A 130 29.69 31.44 -20.84
N SER A 138 37.39 22.89 -15.18
CA SER A 138 37.28 21.40 -15.17
C SER A 138 36.26 20.91 -16.24
N MET A 139 34.96 21.01 -15.93
CA MET A 139 33.83 20.69 -16.84
C MET A 139 33.14 21.99 -17.24
N VAL A 140 32.58 22.07 -18.45
CA VAL A 140 31.77 23.24 -18.91
C VAL A 140 30.37 22.76 -19.31
N THR A 141 29.32 23.47 -18.91
CA THR A 141 27.91 23.16 -19.28
C THR A 141 27.44 24.08 -20.41
N LEU A 142 26.87 23.49 -21.46
CA LEU A 142 26.32 24.22 -22.62
C LEU A 142 24.84 23.87 -22.68
N GLY A 143 24.05 24.61 -23.45
CA GLY A 143 22.65 24.22 -23.66
C GLY A 143 22.06 24.76 -24.94
N CYS A 144 20.84 24.32 -25.21
CA CYS A 144 19.95 24.86 -26.24
C CYS A 144 18.65 25.20 -25.54
N LEU A 145 18.11 26.38 -25.86
CA LEU A 145 16.73 26.74 -25.51
C LEU A 145 15.89 26.61 -26.78
N VAL A 146 14.89 25.75 -26.73
CA VAL A 146 13.95 25.46 -27.84
C VAL A 146 12.62 26.11 -27.50
N LYS A 147 12.28 27.20 -28.20
CA LYS A 147 11.21 28.12 -27.75
C LYS A 147 10.12 28.25 -28.82
N GLY A 148 8.86 28.31 -28.41
CA GLY A 148 7.76 28.77 -29.25
C GLY A 148 7.39 27.78 -30.35
N TYR A 149 7.46 26.48 -30.06
CA TYR A 149 7.01 25.41 -30.98
C TYR A 149 5.64 24.92 -30.49
N PHE A 150 4.89 24.35 -31.43
CA PHE A 150 3.61 23.66 -31.19
C PHE A 150 3.38 22.71 -32.36
N PRO A 151 2.84 21.49 -32.14
CA PRO A 151 2.65 20.91 -30.81
C PRO A 151 3.82 19.99 -30.43
N GLU A 152 3.70 19.26 -29.32
CA GLU A 152 4.68 18.20 -28.92
C GLU A 152 4.64 17.08 -29.95
N PRO A 153 5.72 16.30 -30.08
CA PRO A 153 6.94 16.46 -29.30
C PRO A 153 8.09 17.11 -30.08
N VAL A 154 9.18 17.34 -29.35
CA VAL A 154 10.51 17.75 -29.85
C VAL A 154 11.50 16.72 -29.33
N THR A 155 12.53 16.35 -30.12
CA THR A 155 13.67 15.55 -29.63
C THR A 155 14.92 16.40 -29.80
N VAL A 156 15.80 16.35 -28.81
CA VAL A 156 17.12 17.02 -28.85
C VAL A 156 18.20 15.96 -28.80
N THR A 157 19.24 16.11 -29.59
CA THR A 157 20.50 15.33 -29.47
C THR A 157 21.64 16.34 -29.53
N TRP A 158 22.83 15.88 -29.20
CA TRP A 158 24.09 16.66 -29.21
C TRP A 158 25.10 15.95 -30.11
N ASN A 159 25.69 16.67 -31.06
CA ASN A 159 26.66 16.16 -32.07
C ASN A 159 26.12 14.87 -32.69
N SER A 160 24.91 14.95 -33.23
CA SER A 160 24.18 13.84 -33.90
C SER A 160 24.16 12.57 -33.03
N GLY A 161 24.10 12.69 -31.69
CA GLY A 161 23.94 11.53 -30.78
C GLY A 161 25.28 11.01 -30.24
N SER A 162 26.40 11.40 -30.87
CA SER A 162 27.76 10.90 -30.51
C SER A 162 28.20 11.51 -29.16
N LEU A 163 27.39 12.41 -28.59
CA LEU A 163 27.64 13.10 -27.30
C LEU A 163 26.38 12.92 -26.47
N SER A 164 26.35 11.99 -25.51
CA SER A 164 25.12 11.60 -24.77
C SER A 164 25.39 11.38 -23.27
N SER A 165 26.64 11.19 -22.88
CA SER A 165 27.11 11.30 -21.46
C SER A 165 26.89 12.73 -21.00
N GLY A 166 26.15 12.92 -19.90
CA GLY A 166 25.92 14.25 -19.32
C GLY A 166 25.14 15.16 -20.26
N VAL A 167 24.17 14.59 -20.96
CA VAL A 167 23.04 15.29 -21.64
C VAL A 167 21.79 15.17 -20.77
N HIS A 168 21.18 16.29 -20.39
CA HIS A 168 19.81 16.36 -19.79
C HIS A 168 18.90 17.08 -20.79
N THR A 169 17.74 16.52 -21.07
CA THR A 169 16.68 17.23 -21.79
C THR A 169 15.48 17.38 -20.85
N PHE A 170 15.07 18.61 -20.59
CA PHE A 170 14.03 18.98 -19.61
C PHE A 170 12.69 18.90 -20.30
N PRO A 171 11.65 18.39 -19.62
CA PRO A 171 10.32 18.32 -20.22
C PRO A 171 9.83 19.72 -20.60
N ALA A 172 9.07 19.79 -21.67
CA ALA A 172 8.55 21.06 -22.21
C ALA A 172 7.56 21.68 -21.22
N VAL A 173 7.52 22.99 -21.19
CA VAL A 173 6.50 23.77 -20.44
C VAL A 173 5.71 24.59 -21.44
N LEU A 174 4.38 24.55 -21.30
CA LEU A 174 3.38 25.29 -22.11
C LEU A 174 3.18 26.67 -21.50
N GLN A 175 3.51 27.73 -22.24
CA GLN A 175 3.32 29.17 -21.87
C GLN A 175 2.82 29.92 -23.12
N SER A 176 1.70 30.64 -23.04
CA SER A 176 1.19 31.49 -24.15
C SER A 176 0.85 30.61 -25.35
N ASP A 177 0.35 29.39 -25.09
CA ASP A 177 -0.02 28.35 -26.09
C ASP A 177 1.18 27.94 -26.94
N LEU A 178 2.42 28.14 -26.47
CA LEU A 178 3.66 27.63 -27.13
C LEU A 178 4.50 26.87 -26.12
N TYR A 179 5.27 25.89 -26.59
CA TYR A 179 6.14 25.04 -25.73
C TYR A 179 7.53 25.63 -25.71
N THR A 180 8.13 25.59 -24.52
CA THR A 180 9.55 25.92 -24.28
C THR A 180 10.17 24.70 -23.60
N LEU A 181 11.34 24.32 -24.09
CA LEU A 181 12.14 23.18 -23.62
C LEU A 181 13.58 23.61 -23.66
N SER A 182 14.39 23.15 -22.72
CA SER A 182 15.85 23.34 -22.71
C SER A 182 16.55 21.98 -22.67
N SER A 183 17.80 21.95 -23.09
CA SER A 183 18.68 20.77 -23.05
C SER A 183 20.07 21.23 -22.64
N SER A 184 20.69 20.56 -21.68
CA SER A 184 22.08 20.84 -21.26
C SER A 184 22.99 19.66 -21.64
N VAL A 185 24.24 19.97 -21.94
CA VAL A 185 25.32 18.98 -22.16
C VAL A 185 26.55 19.47 -21.38
N THR A 186 27.24 18.56 -20.71
CA THR A 186 28.45 18.87 -19.90
C THR A 186 29.63 18.21 -20.57
N VAL A 187 30.63 19.00 -20.97
CA VAL A 187 31.87 18.51 -21.61
C VAL A 187 33.07 19.06 -20.83
N PRO A 188 34.26 18.43 -20.94
CA PRO A 188 35.47 18.95 -20.30
C PRO A 188 35.93 20.27 -20.96
N SER A 189 36.46 21.23 -20.18
CA SER A 189 36.85 22.59 -20.67
C SER A 189 37.85 22.49 -21.83
N SER A 190 38.62 21.40 -21.90
CA SER A 190 39.60 21.15 -22.98
C SER A 190 38.86 20.96 -24.32
N THR A 191 37.76 20.19 -24.36
CA THR A 191 37.04 19.88 -25.64
C THR A 191 36.39 21.14 -26.22
N TRP A 192 35.86 22.04 -25.40
CA TRP A 192 35.11 23.24 -25.87
C TRP A 192 35.81 24.52 -25.45
N PRO A 193 36.02 25.51 -26.34
CA PRO A 193 35.49 25.52 -27.70
C PRO A 193 36.37 25.04 -28.86
N SER A 194 37.51 24.41 -28.61
CA SER A 194 38.41 23.91 -29.68
C SER A 194 37.67 22.89 -30.53
N GLU A 195 36.89 21.99 -29.94
CA GLU A 195 36.03 21.00 -30.66
C GLU A 195 34.57 21.49 -30.68
N THR A 196 33.92 21.34 -31.83
CA THR A 196 32.52 21.77 -32.10
C THR A 196 31.52 21.06 -31.18
N VAL A 197 30.59 21.82 -30.60
CA VAL A 197 29.40 21.26 -29.88
C VAL A 197 28.13 21.87 -30.46
N THR A 198 27.22 21.00 -30.89
CA THR A 198 26.06 21.32 -31.74
C THR A 198 24.87 20.57 -31.18
N CYS A 199 23.78 21.25 -30.84
CA CYS A 199 22.51 20.59 -30.52
C CYS A 199 21.66 20.45 -31.77
N ASN A 200 20.99 19.31 -31.89
CA ASN A 200 20.11 18.91 -33.02
C ASN A 200 18.69 18.83 -32.47
N VAL A 201 17.82 19.70 -32.96
CA VAL A 201 16.41 19.78 -32.53
C VAL A 201 15.52 19.33 -33.69
N ALA A 202 14.79 18.24 -33.50
CA ALA A 202 13.83 17.71 -34.49
C ALA A 202 12.41 18.01 -34.00
N HIS A 203 11.62 18.68 -34.82
CA HIS A 203 10.17 18.91 -34.58
C HIS A 203 9.38 18.18 -35.66
N PRO A 204 8.95 16.92 -35.45
CA PRO A 204 8.24 16.16 -36.47
C PRO A 204 7.01 16.84 -37.05
N ALA A 205 6.20 17.47 -36.21
CA ALA A 205 4.91 18.07 -36.62
C ALA A 205 5.11 19.11 -37.71
N SER A 206 6.26 19.79 -37.76
CA SER A 206 6.54 20.87 -38.74
C SER A 206 7.58 20.41 -39.76
N SER A 207 8.03 19.15 -39.68
CA SER A 207 9.01 18.56 -40.63
C SER A 207 10.32 19.37 -40.63
N THR A 208 10.75 19.82 -39.45
CA THR A 208 11.94 20.69 -39.24
C THR A 208 12.96 19.98 -38.36
N LYS A 209 14.23 20.09 -38.71
CA LYS A 209 15.38 19.81 -37.84
C LYS A 209 16.23 21.08 -37.82
N VAL A 210 16.64 21.55 -36.65
CA VAL A 210 17.58 22.70 -36.53
C VAL A 210 18.84 22.21 -35.82
N ASP A 211 20.00 22.51 -36.39
CA ASP A 211 21.32 22.32 -35.76
C ASP A 211 21.83 23.68 -35.30
N LYS A 212 22.08 23.85 -34.01
CA LYS A 212 22.65 25.12 -33.52
C LYS A 212 24.00 24.81 -32.93
N LYS A 213 25.03 25.40 -33.52
CA LYS A 213 26.44 25.22 -33.08
C LYS A 213 26.67 26.22 -31.95
N ILE A 214 27.16 25.76 -30.80
CA ILE A 214 27.35 26.64 -29.62
C ILE A 214 28.74 27.27 -29.74
N VAL A 215 28.80 28.59 -29.92
CA VAL A 215 30.07 29.32 -30.18
C VAL A 215 30.27 30.33 -29.05
N PRO A 216 31.55 30.56 -28.65
CA PRO A 216 31.86 31.37 -27.46
C PRO A 216 31.28 32.79 -27.48
N ASP B 4 -15.31 -7.48 -16.83
CA ASP B 4 -14.98 -6.13 -16.27
C ASP B 4 -14.37 -6.27 -14.87
N ILE B 5 -13.08 -6.60 -14.86
CA ILE B 5 -12.27 -6.99 -13.67
C ILE B 5 -11.47 -5.77 -13.26
N GLN B 6 -11.63 -5.33 -12.00
CA GLN B 6 -10.82 -4.24 -11.39
C GLN B 6 -9.42 -4.81 -11.11
N MET B 7 -8.37 -4.06 -11.47
CA MET B 7 -6.95 -4.40 -11.19
C MET B 7 -6.35 -3.35 -10.24
N THR B 8 -5.91 -3.77 -9.06
CA THR B 8 -5.39 -2.83 -8.03
C THR B 8 -3.90 -3.05 -7.83
N GLN B 9 -3.09 -2.04 -8.11
CA GLN B 9 -1.60 -2.10 -8.03
C GLN B 9 -1.13 -1.36 -6.78
N SER B 10 -0.09 -1.85 -6.11
CA SER B 10 0.52 -1.16 -4.96
C SER B 10 2.00 -1.53 -4.85
N PRO B 11 2.85 -0.62 -4.33
CA PRO B 11 2.41 0.72 -3.97
C PRO B 11 2.24 1.61 -5.22
N ALA B 12 1.61 2.78 -5.08
CA ALA B 12 1.58 3.80 -6.14
C ALA B 12 3.00 4.26 -6.43
N SER B 13 3.83 4.38 -5.40
CA SER B 13 5.22 4.87 -5.56
C SER B 13 6.09 4.26 -4.48
N LEU B 14 7.40 4.28 -4.72
CA LEU B 14 8.40 3.40 -4.08
C LEU B 14 9.82 3.91 -4.33
N SER B 15 10.60 4.06 -3.27
CA SER B 15 12.05 4.41 -3.32
C SER B 15 12.83 3.20 -2.76
N ALA B 16 13.92 2.76 -3.43
CA ALA B 16 14.77 1.64 -2.98
C ALA B 16 16.20 1.76 -3.55
N SER B 17 17.17 1.19 -2.86
CA SER B 17 18.61 1.29 -3.20
C SER B 17 18.97 0.19 -4.18
N VAL B 18 20.00 0.47 -4.97
CA VAL B 18 20.71 -0.52 -5.81
C VAL B 18 20.97 -1.75 -4.94
N GLY B 19 20.59 -2.94 -5.43
CA GLY B 19 20.92 -4.21 -4.79
C GLY B 19 19.75 -4.77 -4.02
N GLU B 20 18.77 -3.93 -3.65
CA GLU B 20 17.57 -4.39 -2.90
C GLU B 20 16.60 -5.15 -3.84
N THR B 21 15.65 -5.84 -3.23
CA THR B 21 14.55 -6.50 -3.95
C THR B 21 13.32 -5.62 -3.81
N VAL B 22 12.72 -5.18 -4.90
CA VAL B 22 11.39 -4.54 -4.84
C VAL B 22 10.31 -5.57 -5.22
N THR B 23 9.17 -5.45 -4.53
CA THR B 23 7.99 -6.30 -4.70
C THR B 23 6.86 -5.35 -5.00
N ILE B 24 6.32 -5.50 -6.20
CA ILE B 24 5.14 -4.76 -6.69
C ILE B 24 4.02 -5.79 -6.72
N THR B 25 2.85 -5.38 -6.27
CA THR B 25 1.65 -6.23 -6.13
C THR B 25 0.60 -5.81 -7.16
N CYS B 26 -0.10 -6.77 -7.72
CA CYS B 26 -1.30 -6.55 -8.55
C CYS B 26 -2.38 -7.54 -8.08
N ARG B 27 -3.56 -7.05 -7.68
CA ARG B 27 -4.70 -7.88 -7.21
C ARG B 27 -5.90 -7.68 -8.13
N ALA B 28 -6.44 -8.77 -8.67
CA ALA B 28 -7.62 -8.77 -9.58
C ALA B 28 -8.89 -8.98 -8.73
N SER B 29 -9.98 -8.30 -9.08
CA SER B 29 -11.31 -8.45 -8.42
C SER B 29 -11.95 -9.82 -8.73
N GLU B 30 -11.52 -10.52 -9.78
CA GLU B 30 -12.04 -11.87 -10.18
C GLU B 30 -10.83 -12.75 -10.52
N ASN B 31 -10.99 -14.07 -10.55
CA ASN B 31 -9.96 -15.05 -11.00
C ASN B 31 -9.61 -14.76 -12.47
N ILE B 32 -8.32 -14.56 -12.75
CA ILE B 32 -7.78 -14.34 -14.13
C ILE B 32 -6.73 -15.42 -14.38
N TYR B 33 -6.69 -16.47 -13.54
CA TYR B 33 -5.84 -17.65 -13.77
C TYR B 33 -4.38 -17.18 -13.85
N SER B 34 -3.71 -17.38 -14.98
CA SER B 34 -2.28 -17.07 -15.17
C SER B 34 -2.14 -15.77 -15.99
N TYR B 35 -3.25 -15.18 -16.46
CA TYR B 35 -3.24 -14.23 -17.62
C TYR B 35 -2.96 -12.82 -17.11
N LEU B 36 -1.74 -12.63 -16.64
CA LEU B 36 -1.31 -11.32 -16.12
C LEU B 36 0.05 -10.99 -16.69
N ALA B 37 0.20 -9.75 -17.16
CA ALA B 37 1.47 -9.27 -17.76
C ALA B 37 1.99 -8.09 -16.93
N TRP B 38 3.29 -7.88 -16.99
CA TRP B 38 3.94 -6.68 -16.41
C TRP B 38 4.70 -5.93 -17.50
N TYR B 39 4.54 -4.60 -17.51
CA TYR B 39 5.24 -3.66 -18.44
C TYR B 39 6.05 -2.66 -17.62
N GLN B 40 7.24 -2.35 -18.11
CA GLN B 40 8.05 -1.18 -17.73
C GLN B 40 7.77 -0.03 -18.72
N GLN B 41 7.57 1.18 -18.19
CA GLN B 41 7.59 2.44 -18.99
C GLN B 41 8.49 3.51 -18.36
N LYS B 42 9.40 4.05 -19.17
CA LYS B 42 10.19 5.29 -18.88
C LYS B 42 9.68 6.39 -19.81
N GLN B 43 9.83 7.67 -19.46
CA GLN B 43 9.16 8.78 -20.19
C GLN B 43 9.71 8.86 -21.62
N GLY B 44 8.82 9.02 -22.61
CA GLY B 44 9.13 9.19 -24.04
C GLY B 44 9.29 7.89 -24.80
N LYS B 45 9.06 6.74 -24.13
CA LYS B 45 9.38 5.39 -24.66
C LYS B 45 8.13 4.51 -24.66
N SER B 46 8.03 3.58 -25.60
CA SER B 46 7.00 2.54 -25.65
C SER B 46 7.10 1.65 -24.41
N PRO B 47 5.98 1.20 -23.82
CA PRO B 47 5.99 0.19 -22.77
C PRO B 47 6.80 -1.03 -23.23
N GLN B 48 7.68 -1.52 -22.36
CA GLN B 48 8.49 -2.73 -22.60
C GLN B 48 7.88 -3.88 -21.77
N LEU B 49 7.39 -4.93 -22.43
CA LEU B 49 6.90 -6.17 -21.77
C LEU B 49 8.02 -6.78 -20.93
N LEU B 50 7.79 -7.00 -19.62
CA LEU B 50 8.77 -7.75 -18.77
C LEU B 50 8.36 -9.22 -18.66
N VAL B 51 7.06 -9.45 -18.40
CA VAL B 51 6.51 -10.77 -17.98
C VAL B 51 5.14 -10.97 -18.62
N TYR B 52 4.84 -12.16 -19.12
CA TYR B 52 3.47 -12.57 -19.55
C TYR B 52 3.15 -13.90 -18.87
N ASN B 53 1.88 -14.25 -18.80
CA ASN B 53 1.36 -15.49 -18.19
C ASN B 53 1.92 -15.59 -16.78
N ALA B 54 1.94 -14.48 -16.04
CA ALA B 54 2.23 -14.37 -14.59
C ALA B 54 3.72 -14.59 -14.30
N LYS B 55 4.39 -15.56 -14.94
CA LYS B 55 5.77 -16.01 -14.59
C LYS B 55 6.75 -15.97 -15.78
N THR B 56 6.31 -15.81 -17.03
CA THR B 56 7.20 -16.02 -18.22
C THR B 56 7.90 -14.71 -18.64
N LEU B 57 9.23 -14.66 -18.53
CA LEU B 57 10.04 -13.49 -18.94
C LEU B 57 9.99 -13.29 -20.45
N ALA B 58 9.77 -12.06 -20.92
CA ALA B 58 9.90 -11.67 -22.35
C ALA B 58 11.38 -11.72 -22.77
N GLU B 59 11.63 -12.05 -24.04
CA GLU B 59 12.99 -12.09 -24.65
C GLU B 59 13.73 -10.80 -24.27
N GLY B 60 14.93 -10.93 -23.71
CA GLY B 60 15.84 -9.78 -23.52
C GLY B 60 15.73 -9.19 -22.13
N VAL B 61 14.71 -9.55 -21.36
CA VAL B 61 14.51 -8.98 -20.00
C VAL B 61 15.54 -9.63 -19.08
N PRO B 62 16.33 -8.86 -18.29
CA PRO B 62 17.26 -9.44 -17.34
C PRO B 62 16.56 -10.45 -16.41
N SER B 63 17.29 -11.49 -16.00
CA SER B 63 16.77 -12.60 -15.19
C SER B 63 16.44 -12.15 -13.75
N ARG B 64 16.88 -10.95 -13.31
CA ARG B 64 16.63 -10.43 -11.93
C ARG B 64 15.13 -10.04 -11.78
N PHE B 65 14.43 -9.88 -12.90
CA PHE B 65 12.95 -9.74 -12.98
C PHE B 65 12.31 -11.13 -12.89
N SER B 66 11.29 -11.28 -12.00
CA SER B 66 10.46 -12.49 -11.90
C SER B 66 9.03 -12.13 -11.49
N GLY B 67 8.10 -12.64 -12.26
CA GLY B 67 6.67 -12.60 -11.94
C GLY B 67 6.27 -13.89 -11.29
N SER B 68 5.26 -13.80 -10.44
CA SER B 68 4.72 -14.92 -9.64
C SER B 68 3.22 -14.65 -9.41
N GLY B 69 2.46 -15.69 -9.06
CA GLY B 69 1.04 -15.56 -8.71
C GLY B 69 0.14 -16.27 -9.71
N SER B 70 -1.14 -16.30 -9.34
CA SER B 70 -2.25 -16.95 -10.08
C SER B 70 -3.56 -16.58 -9.38
N GLY B 71 -4.68 -16.68 -10.09
CA GLY B 71 -6.01 -16.35 -9.55
C GLY B 71 -6.19 -14.85 -9.47
N THR B 72 -6.06 -14.29 -8.28
CA THR B 72 -6.30 -12.85 -8.03
C THR B 72 -5.06 -12.18 -7.46
N GLN B 73 -3.99 -12.94 -7.18
CA GLN B 73 -2.86 -12.46 -6.36
C GLN B 73 -1.57 -12.57 -7.17
N PHE B 74 -1.00 -11.44 -7.63
CA PHE B 74 0.22 -11.45 -8.47
C PHE B 74 1.25 -10.49 -7.92
N SER B 75 2.50 -10.78 -8.26
CA SER B 75 3.67 -10.03 -7.76
C SER B 75 4.71 -9.94 -8.89
N LEU B 76 5.33 -8.78 -9.04
CA LEU B 76 6.60 -8.61 -9.78
C LEU B 76 7.71 -8.30 -8.75
N LYS B 77 8.79 -9.09 -8.79
CA LYS B 77 10.01 -8.87 -7.97
C LYS B 77 11.11 -8.43 -8.94
N ILE B 78 11.86 -7.39 -8.57
CA ILE B 78 13.15 -7.02 -9.17
C ILE B 78 14.20 -7.30 -8.09
N ASN B 79 14.97 -8.37 -8.29
CA ASN B 79 16.10 -8.74 -7.40
C ASN B 79 17.27 -7.86 -7.82
N SER B 80 18.14 -7.50 -6.89
CA SER B 80 19.40 -6.74 -7.19
C SER B 80 19.04 -5.55 -8.07
N LEU B 81 18.20 -4.66 -7.55
CA LEU B 81 17.74 -3.42 -8.21
C LEU B 81 18.95 -2.67 -8.81
N GLN B 82 18.84 -2.24 -10.07
CA GLN B 82 19.90 -1.47 -10.76
C GLN B 82 19.45 -0.03 -11.05
N PRO B 83 20.39 0.92 -11.21
CA PRO B 83 20.04 2.31 -11.50
C PRO B 83 19.12 2.39 -12.73
N GLU B 84 19.28 1.53 -13.72
CA GLU B 84 18.47 1.61 -14.96
C GLU B 84 17.05 1.08 -14.68
N ASP B 85 16.74 0.56 -13.50
CA ASP B 85 15.40 -0.03 -13.22
C ASP B 85 14.40 1.06 -12.81
N PHE B 86 14.80 2.33 -12.73
CA PHE B 86 13.91 3.46 -12.37
C PHE B 86 12.82 3.54 -13.42
N GLY B 87 11.65 4.07 -13.06
CA GLY B 87 10.55 4.24 -14.01
C GLY B 87 9.21 3.79 -13.46
N SER B 88 8.27 3.54 -14.36
CA SER B 88 6.88 3.15 -14.01
C SER B 88 6.66 1.69 -14.43
N TYR B 89 5.96 0.93 -13.60
CA TYR B 89 5.64 -0.49 -13.81
C TYR B 89 4.12 -0.63 -13.77
N TYR B 90 3.56 -1.29 -14.78
CA TYR B 90 2.11 -1.52 -14.95
C TYR B 90 1.87 -3.01 -15.09
N CYS B 91 0.91 -3.55 -14.32
CA CYS B 91 0.29 -4.86 -14.66
C CYS B 91 -0.87 -4.62 -15.63
N GLN B 92 -1.14 -5.61 -16.44
CA GLN B 92 -2.29 -5.67 -17.36
C GLN B 92 -2.68 -7.14 -17.42
N HIS B 93 -3.96 -7.47 -17.26
CA HIS B 93 -4.44 -8.86 -17.48
C HIS B 93 -4.67 -9.07 -18.98
N HIS B 94 -4.46 -10.30 -19.46
CA HIS B 94 -4.85 -10.76 -20.83
C HIS B 94 -5.82 -11.94 -20.73
N TYR B 95 -6.82 -11.84 -19.85
CA TYR B 95 -7.84 -12.87 -19.59
C TYR B 95 -8.96 -12.76 -20.65
N GLY B 96 -9.47 -11.54 -20.80
CA GLY B 96 -10.39 -11.13 -21.87
C GLY B 96 -10.64 -9.63 -21.85
N THR B 97 -11.32 -9.13 -22.89
CA THR B 97 -11.71 -7.71 -23.05
C THR B 97 -12.59 -7.35 -21.86
N PRO B 98 -12.45 -6.14 -21.28
CA PRO B 98 -11.40 -5.19 -21.64
C PRO B 98 -10.12 -5.61 -20.90
N TYR B 99 -8.96 -5.47 -21.55
CA TYR B 99 -7.65 -5.92 -21.02
C TYR B 99 -7.12 -4.84 -20.09
N THR B 100 -7.60 -4.79 -18.85
CA THR B 100 -7.43 -3.56 -18.02
C THR B 100 -6.04 -3.52 -17.41
N PHE B 101 -5.50 -2.31 -17.26
CA PHE B 101 -4.19 -2.04 -16.62
C PHE B 101 -4.41 -1.70 -15.15
N GLY B 102 -3.46 -2.04 -14.29
CA GLY B 102 -3.38 -1.44 -12.95
C GLY B 102 -2.91 -0.01 -13.05
N GLY B 103 -2.91 0.70 -11.92
CA GLY B 103 -2.71 2.15 -11.84
C GLY B 103 -1.24 2.54 -11.96
N GLY B 104 -0.36 1.55 -11.92
CA GLY B 104 1.09 1.77 -12.06
C GLY B 104 1.74 2.01 -10.72
N THR B 105 3.05 1.74 -10.68
CA THR B 105 3.98 1.95 -9.56
C THR B 105 5.17 2.76 -10.10
N LYS B 106 5.47 3.90 -9.48
CA LYS B 106 6.66 4.69 -9.84
C LYS B 106 7.77 4.23 -8.90
N LEU B 107 8.89 3.79 -9.46
CA LEU B 107 10.06 3.27 -8.73
C LEU B 107 11.17 4.30 -8.85
N GLU B 108 11.60 4.89 -7.72
CA GLU B 108 12.77 5.79 -7.63
C GLU B 108 13.94 4.98 -7.03
N ILE B 109 15.16 5.19 -7.53
CA ILE B 109 16.41 4.62 -6.94
C ILE B 109 16.92 5.58 -5.87
N LYS B 110 16.99 5.13 -4.61
CA LYS B 110 17.59 5.90 -3.50
C LYS B 110 19.09 5.87 -3.71
N ARG B 111 19.78 6.94 -3.34
CA ARG B 111 21.26 7.02 -3.49
C ARG B 111 21.76 8.08 -2.52
N ALA B 112 23.07 8.25 -2.43
CA ALA B 112 23.70 9.29 -1.59
C ALA B 112 23.14 10.66 -1.99
N ASP B 113 23.06 11.57 -1.04
CA ASP B 113 22.87 13.03 -1.33
C ASP B 113 23.89 13.51 -2.37
N ALA B 114 23.51 14.52 -3.16
CA ALA B 114 24.36 15.17 -4.18
C ALA B 114 23.84 16.59 -4.37
N ALA B 115 24.76 17.55 -4.35
CA ALA B 115 24.43 18.98 -4.47
C ALA B 115 24.30 19.33 -5.95
N PRO B 116 23.40 20.27 -6.32
CA PRO B 116 23.27 20.66 -7.71
C PRO B 116 24.53 21.39 -8.17
N THR B 117 25.01 21.09 -9.37
CA THR B 117 25.90 21.98 -10.19
C THR B 117 25.02 23.00 -10.94
N VAL B 118 25.19 24.27 -10.63
CA VAL B 118 24.30 25.37 -11.10
C VAL B 118 25.02 26.17 -12.17
N SER B 119 24.38 26.43 -13.31
CA SER B 119 24.91 27.37 -14.32
C SER B 119 23.77 28.23 -14.84
N ILE B 120 24.10 29.50 -15.07
CA ILE B 120 23.16 30.55 -15.53
C ILE B 120 23.60 31.00 -16.93
N PHE B 121 22.65 31.25 -17.81
CA PHE B 121 22.93 31.71 -19.19
C PHE B 121 22.10 32.94 -19.49
N PRO B 122 22.73 34.00 -20.01
CA PRO B 122 22.01 35.17 -20.50
C PRO B 122 21.25 34.83 -21.78
N PRO B 123 20.27 35.66 -22.18
CA PRO B 123 19.64 35.55 -23.49
C PRO B 123 20.69 35.55 -24.60
N SER B 124 20.57 34.67 -25.59
CA SER B 124 21.38 34.73 -26.82
C SER B 124 21.11 36.05 -27.55
N SER B 125 22.04 36.46 -28.38
CA SER B 125 21.87 37.64 -29.25
C SER B 125 20.76 37.32 -30.26
N GLU B 126 20.71 36.10 -30.76
CA GLU B 126 19.63 35.65 -31.68
C GLU B 126 18.27 35.99 -31.05
N GLN B 127 18.05 35.62 -29.79
CA GLN B 127 16.73 35.82 -29.14
C GLN B 127 16.48 37.32 -28.95
N LEU B 128 17.49 38.08 -28.53
CA LEU B 128 17.36 39.54 -28.34
C LEU B 128 16.96 40.19 -29.65
N THR B 129 17.45 39.75 -30.81
CA THR B 129 17.14 40.43 -32.09
C THR B 129 15.69 40.08 -32.46
N SER B 130 15.10 39.03 -31.90
CA SER B 130 13.67 38.69 -32.14
C SER B 130 12.76 39.42 -31.12
N GLY B 131 13.30 40.15 -30.17
CA GLY B 131 12.50 40.92 -29.20
C GLY B 131 12.14 40.17 -27.93
N GLY B 132 12.69 38.97 -27.71
CA GLY B 132 12.53 38.20 -26.45
C GLY B 132 13.80 38.15 -25.62
N ALA B 133 13.68 37.83 -24.34
CA ALA B 133 14.81 37.57 -23.43
C ALA B 133 14.44 36.46 -22.44
N SER B 134 15.15 35.34 -22.49
CA SER B 134 14.97 34.18 -21.61
C SER B 134 16.29 33.98 -20.88
N VAL B 135 16.25 33.97 -19.56
CA VAL B 135 17.45 33.75 -18.72
C VAL B 135 17.28 32.35 -18.18
N VAL B 136 18.29 31.50 -18.41
CA VAL B 136 18.16 30.06 -18.15
C VAL B 136 19.13 29.67 -17.03
N CYS B 137 18.62 28.92 -16.08
CA CYS B 137 19.43 28.33 -14.99
C CYS B 137 19.28 26.82 -14.99
N PHE B 138 20.38 26.09 -15.16
CA PHE B 138 20.43 24.62 -15.01
C PHE B 138 20.96 24.31 -13.61
N LEU B 139 20.26 23.43 -12.91
CA LEU B 139 20.64 22.83 -11.61
C LEU B 139 20.79 21.33 -11.86
N ASN B 140 22.02 20.87 -12.11
CA ASN B 140 22.28 19.52 -12.66
C ASN B 140 22.80 18.56 -11.57
N ASN B 141 22.33 17.32 -11.63
CA ASN B 141 22.93 16.13 -10.97
C ASN B 141 22.83 16.33 -9.45
N PHE B 142 21.62 16.46 -8.92
CA PHE B 142 21.37 16.56 -7.47
C PHE B 142 20.47 15.40 -7.02
N TYR B 143 20.57 15.04 -5.74
CA TYR B 143 19.69 14.06 -5.02
C TYR B 143 19.62 14.51 -3.56
N PRO B 144 18.44 14.49 -2.90
CA PRO B 144 17.17 14.08 -3.50
C PRO B 144 16.42 15.18 -4.28
N LYS B 145 15.23 14.84 -4.78
CA LYS B 145 14.48 15.58 -5.83
C LYS B 145 14.17 17.00 -5.36
N ASP B 146 13.95 17.19 -4.06
CA ASP B 146 13.45 18.46 -3.49
C ASP B 146 14.54 19.54 -3.62
N ILE B 147 14.22 20.62 -4.33
CA ILE B 147 15.11 21.79 -4.50
C ILE B 147 14.24 23.03 -4.61
N ASN B 148 14.80 24.19 -4.28
CA ASN B 148 14.13 25.50 -4.43
C ASN B 148 15.01 26.39 -5.30
N VAL B 149 14.40 27.12 -6.24
CA VAL B 149 15.12 28.12 -7.08
C VAL B 149 14.46 29.48 -6.87
N LYS B 150 15.27 30.48 -6.58
CA LYS B 150 14.86 31.90 -6.42
C LYS B 150 15.61 32.71 -7.47
N TRP B 151 14.88 33.38 -8.35
CA TRP B 151 15.45 34.40 -9.27
C TRP B 151 15.52 35.74 -8.53
N LYS B 152 16.60 36.49 -8.73
CA LYS B 152 16.68 37.93 -8.34
C LYS B 152 17.06 38.77 -9.55
N ILE B 153 16.36 39.89 -9.72
CA ILE B 153 16.68 40.96 -10.73
C ILE B 153 17.09 42.18 -9.94
N ASP B 154 18.31 42.67 -10.17
CA ASP B 154 18.86 43.84 -9.45
C ASP B 154 18.59 43.67 -7.95
N GLY B 155 18.96 42.52 -7.41
CA GLY B 155 19.05 42.26 -5.95
C GLY B 155 17.69 41.90 -5.36
N SER B 156 16.63 41.89 -6.17
CA SER B 156 15.25 41.83 -5.64
C SER B 156 14.49 40.69 -6.33
N GLU B 157 13.79 39.88 -5.53
CA GLU B 157 13.22 38.57 -5.95
C GLU B 157 12.17 38.77 -7.05
N ARG B 158 12.08 37.81 -7.96
CA ARG B 158 11.15 37.80 -9.10
C ARG B 158 10.53 36.41 -9.19
N GLN B 159 9.21 36.29 -9.22
CA GLN B 159 8.49 34.99 -9.31
C GLN B 159 7.57 34.91 -10.54
N ASN B 160 7.26 36.05 -11.16
CA ASN B 160 6.51 36.11 -12.44
C ASN B 160 7.47 35.85 -13.59
N GLY B 161 7.06 34.99 -14.52
CA GLY B 161 7.79 34.69 -15.77
C GLY B 161 8.69 33.48 -15.62
N VAL B 162 8.61 32.79 -14.47
CA VAL B 162 9.53 31.67 -14.13
C VAL B 162 8.85 30.34 -14.43
N LEU B 163 9.48 29.52 -15.27
CA LEU B 163 9.04 28.15 -15.60
C LEU B 163 10.13 27.20 -15.14
N ASN B 164 9.73 26.12 -14.49
CA ASN B 164 10.63 25.09 -13.94
C ASN B 164 10.21 23.74 -14.50
N SER B 165 11.17 22.92 -14.90
CA SER B 165 10.90 21.48 -15.16
C SER B 165 12.09 20.63 -14.70
N TRP B 166 11.77 19.44 -14.23
CA TRP B 166 12.66 18.42 -13.67
C TRP B 166 12.82 17.32 -14.70
N THR B 167 14.02 16.78 -14.86
CA THR B 167 14.22 15.49 -15.57
C THR B 167 13.69 14.33 -14.72
N ASP B 168 13.42 13.22 -15.38
CA ASP B 168 13.41 11.86 -14.76
C ASP B 168 14.77 11.64 -14.11
N GLN B 169 14.83 10.66 -13.23
CA GLN B 169 16.07 10.14 -12.64
C GLN B 169 17.01 9.64 -13.75
N ASP B 170 18.30 9.94 -13.61
CA ASP B 170 19.36 9.56 -14.57
C ASP B 170 19.60 8.05 -14.47
N SER B 171 19.70 7.36 -15.60
CA SER B 171 19.74 5.88 -15.64
C SER B 171 21.07 5.34 -15.12
N LYS B 172 22.10 6.19 -14.96
CA LYS B 172 23.43 5.70 -14.50
C LYS B 172 23.75 6.22 -13.09
N ASP B 173 23.49 7.48 -12.78
CA ASP B 173 23.94 8.09 -11.50
C ASP B 173 22.74 8.36 -10.58
N SER B 174 21.51 8.11 -11.03
CA SER B 174 20.27 8.17 -10.22
C SER B 174 20.01 9.58 -9.68
N THR B 175 20.64 10.60 -10.26
CA THR B 175 20.37 12.02 -9.90
C THR B 175 19.20 12.61 -10.71
N TYR B 176 18.69 13.71 -10.19
CA TYR B 176 17.70 14.62 -10.81
C TYR B 176 18.48 15.83 -11.35
N SER B 177 18.03 16.40 -12.46
CA SER B 177 18.38 17.77 -12.92
C SER B 177 17.11 18.60 -13.01
N MET B 178 17.26 19.91 -13.03
CA MET B 178 16.14 20.86 -13.06
C MET B 178 16.55 22.08 -13.89
N SER B 179 15.62 22.62 -14.69
CA SER B 179 15.80 23.84 -15.49
C SER B 179 14.83 24.90 -14.99
N SER B 180 15.31 26.12 -14.77
CA SER B 180 14.49 27.31 -14.45
C SER B 180 14.77 28.37 -15.51
N THR B 181 13.71 28.81 -16.20
CA THR B 181 13.76 29.88 -17.23
C THR B 181 12.95 31.07 -16.72
N LEU B 182 13.57 32.24 -16.65
CA LEU B 182 12.88 33.52 -16.40
C LEU B 182 12.66 34.15 -17.78
N THR B 183 11.41 34.25 -18.23
CA THR B 183 11.08 34.80 -19.56
C THR B 183 10.66 36.25 -19.38
N LEU B 184 11.33 37.16 -20.08
CA LEU B 184 11.09 38.62 -20.05
C LEU B 184 10.91 39.08 -21.49
N THR B 185 10.45 40.32 -21.68
CA THR B 185 10.58 41.05 -22.96
C THR B 185 12.02 41.53 -23.06
N LYS B 186 12.52 41.78 -24.26
CA LYS B 186 13.85 42.41 -24.42
C LYS B 186 13.85 43.71 -23.60
N ASP B 187 12.74 44.46 -23.62
CA ASP B 187 12.69 45.82 -23.03
C ASP B 187 12.81 45.66 -21.53
N GLU B 188 12.13 44.70 -20.93
CA GLU B 188 12.21 44.51 -19.47
C GLU B 188 13.63 44.06 -19.12
N TYR B 189 14.18 43.14 -19.90
CA TYR B 189 15.54 42.60 -19.64
C TYR B 189 16.56 43.75 -19.67
N GLU B 190 16.37 44.77 -20.50
CA GLU B 190 17.40 45.81 -20.72
C GLU B 190 17.25 46.95 -19.71
N ARG B 191 16.23 46.90 -18.83
CA ARG B 191 15.98 47.91 -17.77
C ARG B 191 16.66 47.50 -16.46
N HIS B 192 17.34 46.35 -16.47
CA HIS B 192 18.05 45.79 -15.29
C HIS B 192 19.40 45.22 -15.72
N ASN B 193 20.32 45.07 -14.76
CA ASN B 193 21.70 44.64 -15.03
C ASN B 193 22.00 43.27 -14.42
N SER B 194 21.62 43.03 -13.17
CA SER B 194 22.08 41.83 -12.44
C SER B 194 20.98 40.79 -12.46
N TYR B 195 21.31 39.60 -12.98
CA TYR B 195 20.40 38.43 -13.01
C TYR B 195 21.03 37.31 -12.21
N THR B 196 20.30 36.81 -11.24
CA THR B 196 20.82 35.87 -10.22
C THR B 196 19.87 34.70 -10.05
N CYS B 197 20.46 33.53 -10.12
CA CYS B 197 19.82 32.23 -9.83
C CYS B 197 20.35 31.72 -8.48
N GLU B 198 19.47 31.43 -7.51
CA GLU B 198 19.84 30.95 -6.15
C GLU B 198 19.18 29.60 -5.89
N ALA B 199 19.96 28.53 -5.73
CA ALA B 199 19.42 27.18 -5.41
C ALA B 199 19.63 26.88 -3.91
N THR B 200 18.58 26.42 -3.23
CA THR B 200 18.68 25.86 -1.87
C THR B 200 18.34 24.37 -1.98
N HIS B 201 19.27 23.54 -1.55
CA HIS B 201 19.10 22.05 -1.51
C HIS B 201 19.48 21.57 -0.10
N LYS B 202 19.02 20.39 0.33
CA LYS B 202 19.31 19.89 1.71
C LYS B 202 20.83 19.67 1.88
N THR B 203 21.60 19.56 0.80
CA THR B 203 23.08 19.35 0.88
C THR B 203 23.84 20.61 1.33
N SER B 204 23.16 21.71 1.65
CA SER B 204 23.82 22.94 2.18
C SER B 204 22.80 23.89 2.83
N THR B 205 23.24 24.58 3.88
CA THR B 205 22.41 25.54 4.65
C THR B 205 22.28 26.81 3.82
N SER B 206 23.40 27.31 3.27
CA SER B 206 23.47 28.53 2.43
C SER B 206 23.18 28.20 0.96
N PRO B 207 22.50 29.11 0.22
CA PRO B 207 22.02 28.80 -1.12
C PRO B 207 23.19 28.83 -2.10
N ILE B 208 23.13 28.04 -3.19
CA ILE B 208 24.18 28.08 -4.26
C ILE B 208 23.75 29.14 -5.27
N VAL B 209 24.63 30.08 -5.55
CA VAL B 209 24.29 31.38 -6.20
C VAL B 209 25.11 31.52 -7.47
N LYS B 210 24.44 31.77 -8.59
CA LYS B 210 25.07 32.00 -9.91
C LYS B 210 24.42 33.24 -10.50
N SER B 211 25.19 34.14 -11.10
CA SER B 211 24.70 35.46 -11.52
C SER B 211 25.54 35.98 -12.68
N PHE B 212 24.94 36.80 -13.53
CA PHE B 212 25.70 37.59 -14.51
C PHE B 212 25.17 39.02 -14.43
N ASN B 213 25.92 39.91 -15.04
CA ASN B 213 25.61 41.34 -15.06
C ASN B 213 25.79 41.83 -16.49
N ARG B 214 24.72 42.27 -17.12
CA ARG B 214 24.82 42.96 -18.41
C ARG B 214 25.24 44.40 -18.11
N GLN C 1 9.07 -25.01 29.44
CA GLN C 1 9.84 -24.98 30.72
C GLN C 1 10.37 -23.55 30.97
N VAL C 2 10.74 -22.81 29.91
CA VAL C 2 10.85 -21.32 29.94
C VAL C 2 9.44 -20.75 30.23
N GLN C 3 9.37 -19.78 31.14
CA GLN C 3 8.10 -19.11 31.53
C GLN C 3 8.36 -17.64 31.84
N LEU C 4 7.44 -16.78 31.41
CA LEU C 4 7.36 -15.36 31.80
C LEU C 4 5.98 -15.15 32.44
N GLN C 5 5.90 -15.12 33.78
CA GLN C 5 4.61 -15.00 34.51
C GLN C 5 4.20 -13.54 34.65
N GLN C 6 3.00 -13.22 34.17
CA GLN C 6 2.31 -11.91 34.33
C GLN C 6 0.91 -12.15 34.91
N SER C 7 0.41 -11.26 35.77
CA SER C 7 -1.00 -11.32 36.22
C SER C 7 -1.88 -10.96 35.03
N ASP C 8 -3.08 -11.54 34.99
CA ASP C 8 -4.03 -11.38 33.87
C ASP C 8 -4.49 -9.91 33.86
N ALA C 9 -4.58 -9.29 35.03
CA ALA C 9 -5.34 -8.04 35.21
C ALA C 9 -4.72 -7.16 36.30
N GLU C 10 -4.67 -5.86 36.03
CA GLU C 10 -4.42 -4.78 37.00
C GLU C 10 -5.51 -3.73 36.80
N LEU C 11 -6.14 -3.32 37.90
CA LEU C 11 -7.10 -2.20 37.93
C LEU C 11 -6.54 -1.10 38.84
N VAL C 12 -6.49 0.13 38.35
CA VAL C 12 -5.86 1.29 39.04
C VAL C 12 -6.63 2.57 38.68
N LYS C 13 -6.82 3.46 39.66
CA LYS C 13 -7.55 4.76 39.50
C LYS C 13 -6.76 5.67 38.57
N PRO C 14 -7.43 6.53 37.78
CA PRO C 14 -6.73 7.55 37.00
C PRO C 14 -5.82 8.39 37.90
N GLY C 15 -4.71 8.86 37.32
CA GLY C 15 -3.67 9.68 37.97
C GLY C 15 -2.74 8.87 38.87
N ALA C 16 -3.08 7.63 39.22
CA ALA C 16 -2.21 6.74 40.06
C ALA C 16 -1.13 6.08 39.19
N SER C 17 -0.29 5.28 39.84
CA SER C 17 0.83 4.49 39.25
C SER C 17 0.57 3.00 39.47
N VAL C 18 1.09 2.17 38.57
CA VAL C 18 1.04 0.68 38.70
C VAL C 18 2.42 0.11 38.35
N LYS C 19 2.78 -0.97 39.03
CA LYS C 19 4.04 -1.73 38.81
C LYS C 19 3.61 -3.13 38.34
N ILE C 20 3.67 -3.38 37.02
CA ILE C 20 3.36 -4.71 36.40
C ILE C 20 4.63 -5.55 36.48
N SER C 21 4.51 -6.77 36.97
CA SER C 21 5.64 -7.70 37.20
C SER C 21 5.69 -8.73 36.05
N CYS C 22 6.90 -9.13 35.69
CA CYS C 22 7.20 -10.18 34.69
C CYS C 22 8.22 -11.10 35.31
N LYS C 23 7.77 -12.25 35.83
CA LYS C 23 8.61 -13.21 36.61
C LYS C 23 9.13 -14.29 35.67
N ALA C 24 10.44 -14.31 35.45
CA ALA C 24 11.14 -15.24 34.55
C ALA C 24 11.55 -16.50 35.34
N SER C 25 11.36 -17.69 34.74
CA SER C 25 11.93 -18.96 35.21
C SER C 25 12.21 -19.92 34.04
N GLY C 26 13.09 -20.92 34.27
CA GLY C 26 13.51 -21.95 33.30
C GLY C 26 14.86 -21.65 32.67
N TYR C 27 15.44 -20.48 32.93
CA TYR C 27 16.67 -19.97 32.25
C TYR C 27 17.33 -18.95 33.18
N ILE C 28 18.60 -18.65 32.98
CA ILE C 28 19.36 -17.63 33.78
C ILE C 28 18.82 -16.25 33.42
N PHE C 29 18.29 -15.52 34.40
CA PHE C 29 17.63 -14.19 34.25
C PHE C 29 18.56 -13.22 33.52
N ALA C 30 19.85 -13.25 33.86
CA ALA C 30 20.86 -12.28 33.39
C ALA C 30 21.19 -12.49 31.90
N ASP C 31 20.83 -13.64 31.32
CA ASP C 31 21.20 -14.02 29.93
C ASP C 31 20.42 -13.21 28.89
N HIS C 32 19.24 -12.68 29.22
CA HIS C 32 18.35 -12.03 28.23
C HIS C 32 17.70 -10.76 28.75
N ALA C 33 17.66 -9.75 27.87
CA ALA C 33 16.85 -8.54 28.04
C ALA C 33 15.36 -8.92 28.09
N ILE C 34 14.59 -8.13 28.83
CA ILE C 34 13.10 -8.21 28.94
C ILE C 34 12.55 -6.93 28.31
N HIS C 35 11.75 -7.09 27.26
CA HIS C 35 11.12 -6.00 26.51
C HIS C 35 9.68 -5.85 26.98
N TRP C 36 9.15 -4.64 26.91
CA TRP C 36 7.73 -4.33 27.17
C TRP C 36 7.06 -3.81 25.89
N VAL C 37 5.91 -4.40 25.59
CA VAL C 37 5.12 -4.12 24.37
C VAL C 37 3.68 -3.84 24.79
N LYS C 38 3.11 -2.76 24.25
CA LYS C 38 1.71 -2.34 24.47
C LYS C 38 0.85 -2.80 23.28
N ARG C 39 -0.27 -3.44 23.58
CA ARG C 39 -1.28 -3.91 22.59
C ARG C 39 -2.62 -3.27 23.01
N LYS C 40 -3.02 -2.24 22.27
CA LYS C 40 -4.26 -1.48 22.48
C LYS C 40 -5.08 -1.62 21.21
N PRO C 41 -6.37 -2.01 21.31
CA PRO C 41 -7.22 -2.13 20.15
C PRO C 41 -7.08 -0.94 19.18
N GLU C 42 -6.87 -1.26 17.90
CA GLU C 42 -6.75 -0.30 16.76
C GLU C 42 -5.47 0.55 16.91
N GLN C 43 -4.51 0.17 17.73
CA GLN C 43 -3.17 0.83 17.73
C GLN C 43 -2.07 -0.23 17.62
N GLY C 44 -2.40 -1.41 17.06
CA GLY C 44 -1.46 -2.52 16.81
C GLY C 44 -0.55 -2.77 17.99
N LEU C 45 0.76 -2.89 17.75
CA LEU C 45 1.79 -3.18 18.77
C LEU C 45 2.75 -2.00 18.86
N GLU C 46 3.25 -1.71 20.06
CA GLU C 46 4.11 -0.55 20.31
C GLU C 46 5.13 -0.97 21.34
N TRP C 47 6.41 -0.90 20.94
CA TRP C 47 7.57 -1.25 21.78
C TRP C 47 7.81 -0.14 22.81
N ILE C 48 7.95 -0.49 24.08
CA ILE C 48 7.99 0.51 25.19
C ILE C 48 9.42 0.76 25.59
N GLY C 49 10.17 -0.32 25.78
CA GLY C 49 11.55 -0.30 26.26
C GLY C 49 12.01 -1.72 26.53
N TYR C 50 13.29 -1.89 26.85
CA TYR C 50 13.84 -3.15 27.42
C TYR C 50 14.67 -2.82 28.66
N ILE C 51 14.80 -3.78 29.54
CA ILE C 51 15.82 -3.80 30.62
C ILE C 51 16.62 -5.08 30.41
N SER C 52 17.92 -4.93 30.17
CA SER C 52 18.91 -6.05 30.14
C SER C 52 19.48 -6.17 31.55
N PRO C 53 18.98 -7.10 32.39
CA PRO C 53 19.42 -7.18 33.78
C PRO C 53 20.91 -7.52 33.95
N GLY C 54 21.47 -8.31 33.03
CA GLY C 54 22.87 -8.77 33.06
C GLY C 54 23.86 -7.63 33.19
N ASN C 55 23.59 -6.51 32.51
CA ASN C 55 24.55 -5.40 32.30
C ASN C 55 23.90 -4.05 32.66
N ASP C 56 22.70 -4.06 33.29
CA ASP C 56 22.00 -2.83 33.76
C ASP C 56 21.80 -1.86 32.59
N ASP C 57 21.53 -2.38 31.38
CA ASP C 57 21.23 -1.56 30.18
C ASP C 57 19.69 -1.44 30.05
N ILE C 58 19.20 -0.21 30.13
CA ILE C 58 17.75 0.14 30.05
C ILE C 58 17.59 1.11 28.88
N LYS C 59 16.68 0.81 27.96
CA LYS C 59 16.39 1.69 26.79
C LYS C 59 14.88 1.93 26.76
N TYR C 60 14.46 3.18 26.51
CA TYR C 60 13.04 3.59 26.44
C TYR C 60 12.72 4.10 25.03
N ASN C 61 11.56 3.74 24.51
CA ASN C 61 10.92 4.52 23.42
C ASN C 61 10.74 5.94 23.97
N GLU C 62 11.09 6.98 23.20
CA GLU C 62 11.02 8.40 23.66
C GLU C 62 9.60 8.76 24.11
N LYS C 63 8.56 8.29 23.41
CA LYS C 63 7.12 8.47 23.76
C LYS C 63 6.85 8.09 25.23
N PHE C 64 7.58 7.14 25.82
CA PHE C 64 7.29 6.55 27.16
C PHE C 64 8.33 6.99 28.19
N LYS C 65 9.09 8.06 27.95
CA LYS C 65 10.29 8.42 28.77
C LYS C 65 9.89 8.73 30.22
N GLY C 66 9.02 9.73 30.42
CA GLY C 66 8.48 10.08 31.76
C GLY C 66 7.43 9.07 32.24
N LYS C 67 6.73 8.45 31.29
CA LYS C 67 5.54 7.58 31.48
C LYS C 67 5.93 6.24 32.13
N ALA C 68 6.97 5.59 31.58
CA ALA C 68 7.41 4.22 31.93
C ALA C 68 8.74 4.27 32.67
N THR C 69 8.89 3.39 33.65
CA THR C 69 10.11 3.16 34.45
C THR C 69 10.35 1.65 34.55
N LEU C 70 11.46 1.18 33.98
CA LEU C 70 11.83 -0.26 33.98
C LEU C 70 12.84 -0.49 35.11
N THR C 71 12.68 -1.60 35.81
CA THR C 71 13.56 -2.06 36.90
C THR C 71 13.51 -3.59 36.89
N ALA C 72 14.42 -4.21 37.61
CA ALA C 72 14.51 -5.68 37.73
C ALA C 72 15.00 -5.99 39.13
N ASP C 73 14.41 -6.99 39.78
CA ASP C 73 14.94 -7.59 41.02
C ASP C 73 15.71 -8.85 40.61
N LYS C 74 17.04 -8.71 40.45
CA LYS C 74 17.97 -9.82 40.10
C LYS C 74 17.72 -11.02 41.04
N SER C 75 17.53 -10.78 42.35
CA SER C 75 17.39 -11.85 43.38
C SER C 75 16.15 -12.73 43.12
N SER C 76 15.02 -12.16 42.69
CA SER C 76 13.77 -12.93 42.41
C SER C 76 13.50 -13.05 40.90
N SER C 77 14.49 -12.70 40.07
CA SER C 77 14.46 -12.78 38.57
C SER C 77 13.07 -12.33 38.04
N THR C 78 12.71 -11.09 38.37
CA THR C 78 11.44 -10.43 38.02
C THR C 78 11.79 -9.08 37.39
N ALA C 79 11.29 -8.79 36.18
CA ALA C 79 11.35 -7.46 35.56
C ALA C 79 10.05 -6.71 35.92
N TYR C 80 10.16 -5.40 36.16
CA TYR C 80 9.02 -4.55 36.54
C TYR C 80 8.92 -3.43 35.51
N MET C 81 7.69 -3.12 35.13
CA MET C 81 7.37 -1.86 34.41
C MET C 81 6.40 -1.10 35.28
N GLN C 82 6.75 0.15 35.59
CA GLN C 82 5.90 1.09 36.32
C GLN C 82 5.39 2.12 35.31
N LEU C 83 4.06 2.24 35.15
CA LEU C 83 3.42 3.37 34.43
C LEU C 83 2.99 4.41 35.46
N ASN C 84 3.16 5.71 35.12
CA ASN C 84 2.93 6.88 36.01
C ASN C 84 1.75 7.69 35.44
N SER C 85 0.95 8.34 36.31
CA SER C 85 -0.04 9.38 35.92
C SER C 85 -1.05 8.76 34.95
N LEU C 86 -1.67 7.66 35.34
CA LEU C 86 -2.42 6.81 34.38
C LEU C 86 -3.66 7.55 33.88
N THR C 87 -3.97 7.37 32.62
CA THR C 87 -5.19 7.89 31.95
C THR C 87 -5.84 6.72 31.22
N SER C 88 -7.04 6.91 30.71
CA SER C 88 -7.77 5.86 29.97
C SER C 88 -6.95 5.45 28.73
N GLU C 89 -6.09 6.34 28.23
CA GLU C 89 -5.24 6.04 27.03
C GLU C 89 -4.26 4.91 27.36
N ASP C 90 -3.83 4.81 28.62
CA ASP C 90 -2.89 3.77 29.10
C ASP C 90 -3.58 2.42 29.26
N SER C 91 -4.91 2.35 29.23
CA SER C 91 -5.63 1.05 29.38
C SER C 91 -5.27 0.23 28.14
N ALA C 92 -4.76 -0.98 28.35
CA ALA C 92 -4.21 -1.79 27.24
C ALA C 92 -3.73 -3.12 27.80
N VAL C 93 -3.37 -4.05 26.90
CA VAL C 93 -2.60 -5.27 27.26
C VAL C 93 -1.12 -4.93 27.17
N TYR C 94 -0.40 -5.15 28.27
CA TYR C 94 1.07 -4.97 28.38
C TYR C 94 1.70 -6.36 28.45
N PHE C 95 2.42 -6.72 27.39
CA PHE C 95 3.27 -7.93 27.31
C PHE C 95 4.67 -7.58 27.78
N CYS C 96 5.25 -8.48 28.54
CA CYS C 96 6.71 -8.62 28.65
C CYS C 96 7.11 -9.77 27.71
N LYS C 97 8.32 -9.71 27.19
CA LYS C 97 8.82 -10.63 26.15
C LYS C 97 10.34 -10.69 26.32
N ARG C 98 10.93 -11.86 26.09
CA ARG C 98 12.40 -12.06 26.20
C ARG C 98 13.09 -11.80 24.85
N SER C 99 14.26 -11.15 24.93
CA SER C 99 15.26 -11.08 23.84
C SER C 99 14.68 -10.35 22.63
N LEU C 100 15.40 -10.41 21.53
CA LEU C 100 14.95 -9.91 20.21
C LEU C 100 14.33 -11.07 19.45
N PRO C 101 13.63 -10.79 18.32
CA PRO C 101 13.19 -11.85 17.42
C PRO C 101 14.38 -12.75 17.05
N GLY C 102 14.21 -14.07 17.21
CA GLY C 102 15.27 -15.10 17.12
C GLY C 102 14.86 -16.31 17.95
N THR C 103 15.77 -17.27 18.21
CA THR C 103 15.44 -18.50 19.00
C THR C 103 15.00 -18.17 20.43
N PHE C 104 15.36 -17.00 20.99
CA PHE C 104 15.06 -16.71 22.42
C PHE C 104 13.74 -15.97 22.60
N ASP C 105 13.12 -15.53 21.48
CA ASP C 105 11.80 -14.87 21.45
C ASP C 105 10.83 -15.68 22.30
N TYR C 106 10.24 -15.06 23.33
CA TYR C 106 9.25 -15.68 24.24
C TYR C 106 8.42 -14.58 24.90
N TRP C 107 7.10 -14.77 24.91
CA TRP C 107 6.13 -13.75 25.36
C TRP C 107 5.38 -14.23 26.61
N GLY C 108 5.20 -13.33 27.58
CA GLY C 108 4.21 -13.52 28.66
C GLY C 108 2.80 -13.55 28.09
N GLN C 109 1.81 -13.89 28.91
CA GLN C 109 0.39 -14.04 28.48
C GLN C 109 -0.22 -12.65 28.29
N GLY C 110 0.39 -11.63 28.89
CA GLY C 110 -0.09 -10.24 28.84
C GLY C 110 -0.88 -9.87 30.10
N THR C 111 -0.73 -8.64 30.57
CA THR C 111 -1.48 -8.06 31.69
C THR C 111 -2.45 -7.04 31.11
N THR C 112 -3.76 -7.25 31.30
CA THR C 112 -4.76 -6.22 30.98
C THR C 112 -4.75 -5.18 32.10
N LEU C 113 -4.20 -4.00 31.80
CA LEU C 113 -4.31 -2.78 32.62
C LEU C 113 -5.60 -2.05 32.24
N THR C 114 -6.51 -1.88 33.20
CA THR C 114 -7.74 -1.05 33.06
C THR C 114 -7.53 0.16 33.98
N VAL C 115 -7.60 1.39 33.47
CA VAL C 115 -7.49 2.53 34.42
C VAL C 115 -8.90 3.10 34.60
N SER C 116 -9.43 3.00 35.82
CA SER C 116 -10.86 3.29 36.11
C SER C 116 -11.07 3.52 37.61
N SER C 117 -12.07 4.35 37.93
CA SER C 117 -12.54 4.58 39.33
C SER C 117 -13.34 3.36 39.79
N ALA C 118 -13.98 2.64 38.85
CA ALA C 118 -14.85 1.49 39.13
C ALA C 118 -14.07 0.38 39.85
N LYS C 119 -14.81 -0.48 40.53
CA LYS C 119 -14.29 -1.47 41.50
C LYS C 119 -14.44 -2.87 40.89
N THR C 120 -13.54 -3.77 41.24
CA THR C 120 -13.59 -5.20 40.85
C THR C 120 -14.93 -5.78 41.29
N THR C 121 -15.67 -6.40 40.37
CA THR C 121 -16.95 -7.08 40.62
C THR C 121 -16.93 -8.41 39.91
N PRO C 122 -17.26 -9.52 40.60
CA PRO C 122 -17.36 -10.81 39.92
C PRO C 122 -18.56 -10.86 38.97
N PRO C 123 -18.52 -11.73 37.93
CA PRO C 123 -19.60 -11.83 36.97
C PRO C 123 -20.80 -12.58 37.56
N SER C 124 -22.00 -12.31 37.09
CA SER C 124 -23.15 -13.23 37.18
C SER C 124 -23.14 -14.08 35.92
N VAL C 125 -23.40 -15.38 36.04
CA VAL C 125 -23.42 -16.27 34.88
C VAL C 125 -24.83 -16.84 34.75
N TYR C 126 -25.43 -16.61 33.58
CA TYR C 126 -26.85 -16.96 33.32
C TYR C 126 -26.89 -17.99 32.21
N PRO C 127 -27.60 -19.12 32.37
CA PRO C 127 -27.73 -20.10 31.29
C PRO C 127 -28.63 -19.59 30.15
N LEU C 128 -28.22 -19.83 28.92
CA LEU C 128 -29.04 -19.62 27.70
C LEU C 128 -29.43 -21.00 27.16
N ALA C 129 -30.66 -21.41 27.46
CA ALA C 129 -31.27 -22.71 27.10
C ALA C 129 -32.35 -22.48 26.05
N PRO C 130 -32.39 -23.33 25.00
CA PRO C 130 -33.32 -23.15 23.88
C PRO C 130 -34.77 -23.56 24.19
N SER C 138 -31.38 -31.28 14.57
CA SER C 138 -30.08 -31.87 14.16
C SER C 138 -28.95 -31.39 15.11
N MET C 139 -28.61 -30.09 15.07
CA MET C 139 -27.67 -29.42 16.01
C MET C 139 -28.48 -28.49 16.93
N VAL C 140 -28.08 -28.36 18.20
CA VAL C 140 -28.73 -27.44 19.19
C VAL C 140 -27.68 -26.44 19.70
N THR C 141 -28.04 -25.15 19.79
CA THR C 141 -27.13 -24.08 20.27
C THR C 141 -27.49 -23.71 21.73
N LEU C 142 -26.48 -23.68 22.59
CA LEU C 142 -26.60 -23.33 24.02
C LEU C 142 -25.70 -22.13 24.24
N GLY C 143 -25.82 -21.44 25.37
CA GLY C 143 -24.91 -20.34 25.69
C GLY C 143 -24.84 -20.02 27.16
N CYS C 144 -23.93 -19.11 27.50
CA CYS C 144 -23.79 -18.47 28.81
C CYS C 144 -23.75 -16.98 28.58
N LEU C 145 -24.52 -16.24 29.38
CA LEU C 145 -24.42 -14.77 29.46
C LEU C 145 -23.67 -14.43 30.75
N VAL C 146 -22.55 -13.75 30.60
CA VAL C 146 -21.62 -13.35 31.68
C VAL C 146 -21.77 -11.85 31.87
N LYS C 147 -22.41 -11.43 32.96
CA LYS C 147 -22.92 -10.06 33.09
C LYS C 147 -22.36 -9.37 34.34
N GLY C 148 -22.05 -8.08 34.22
CA GLY C 148 -21.81 -7.19 35.36
C GLY C 148 -20.50 -7.49 36.07
N TYR C 149 -19.46 -7.87 35.34
CA TYR C 149 -18.09 -8.06 35.89
C TYR C 149 -17.27 -6.83 35.54
N PHE C 150 -16.24 -6.60 36.35
CA PHE C 150 -15.19 -5.60 36.14
C PHE C 150 -13.96 -6.04 36.92
N PRO C 151 -12.73 -5.87 36.38
CA PRO C 151 -12.49 -5.47 35.00
C PRO C 151 -12.27 -6.70 34.10
N GLU C 152 -11.86 -6.47 32.83
CA GLU C 152 -11.43 -7.55 31.90
C GLU C 152 -10.15 -8.15 32.46
N PRO C 153 -9.82 -9.41 32.11
CA PRO C 153 -10.64 -10.22 31.21
C PRO C 153 -11.44 -11.31 31.93
N VAL C 154 -12.28 -11.98 31.14
CA VAL C 154 -13.00 -13.22 31.49
C VAL C 154 -12.60 -14.27 30.45
N THR C 155 -12.44 -15.54 30.83
CA THR C 155 -12.31 -16.66 29.87
C THR C 155 -13.51 -17.57 30.09
N VAL C 156 -14.10 -18.06 29.02
CA VAL C 156 -15.15 -19.10 29.03
C VAL C 156 -14.61 -20.37 28.38
N THR C 157 -14.93 -21.53 28.94
CA THR C 157 -14.74 -22.85 28.28
C THR C 157 -16.04 -23.61 28.46
N TRP C 158 -16.16 -24.73 27.76
CA TRP C 158 -17.33 -25.63 27.81
C TRP C 158 -16.85 -27.03 28.22
N ASN C 159 -17.48 -27.62 29.24
CA ASN C 159 -17.14 -28.96 29.80
C ASN C 159 -15.62 -29.06 30.02
N SER C 160 -15.09 -28.10 30.76
CA SER C 160 -13.66 -27.97 31.14
C SER C 160 -12.74 -28.07 29.91
N GLY C 161 -13.17 -27.61 28.73
CA GLY C 161 -12.30 -27.54 27.55
C GLY C 161 -12.47 -28.74 26.62
N SER C 162 -13.08 -29.83 27.11
CA SER C 162 -13.26 -31.09 26.35
C SER C 162 -14.30 -30.90 25.23
N LEU C 163 -14.92 -29.72 25.16
CA LEU C 163 -15.97 -29.36 24.17
C LEU C 163 -15.55 -28.01 23.59
N SER C 164 -14.99 -27.99 22.37
CA SER C 164 -14.37 -26.78 21.78
C SER C 164 -14.68 -26.64 20.29
N SER C 165 -15.12 -27.71 19.63
CA SER C 165 -15.75 -27.65 18.28
C SER C 165 -17.06 -26.85 18.38
N GLY C 166 -17.22 -25.79 17.59
CA GLY C 166 -18.46 -25.00 17.55
C GLY C 166 -18.73 -24.29 18.87
N VAL C 167 -17.65 -23.79 19.49
CA VAL C 167 -17.66 -22.80 20.60
C VAL C 167 -17.28 -21.43 20.03
N HIS C 168 -18.13 -20.41 20.22
CA HIS C 168 -17.81 -18.98 19.99
C HIS C 168 -17.83 -18.25 21.33
N THR C 169 -16.83 -17.44 21.62
CA THR C 169 -16.88 -16.48 22.75
C THR C 169 -16.78 -15.08 22.17
N PHE C 170 -17.79 -14.26 22.43
CA PHE C 170 -17.94 -12.91 21.84
C PHE C 170 -17.15 -11.95 22.72
N PRO C 171 -16.49 -10.94 22.12
CA PRO C 171 -15.85 -9.88 22.88
C PRO C 171 -16.84 -9.21 23.82
N ALA C 172 -16.33 -8.82 24.99
CA ALA C 172 -17.12 -8.14 26.03
C ALA C 172 -17.53 -6.76 25.53
N VAL C 173 -18.68 -6.31 25.99
CA VAL C 173 -19.16 -4.93 25.76
C VAL C 173 -19.34 -4.25 27.12
N LEU C 174 -18.87 -3.00 27.23
CA LEU C 174 -18.95 -2.11 28.41
C LEU C 174 -20.27 -1.36 28.38
N GLN C 175 -21.13 -1.56 29.38
CA GLN C 175 -22.40 -0.81 29.60
C GLN C 175 -22.49 -0.45 31.10
N SER C 176 -22.66 0.83 31.43
CA SER C 176 -22.90 1.30 32.82
C SER C 176 -21.71 0.93 33.71
N ASP C 177 -20.50 1.00 33.15
CA ASP C 177 -19.19 0.67 33.80
C ASP C 177 -19.14 -0.80 34.25
N LEU C 178 -19.94 -1.69 33.64
CA LEU C 178 -19.80 -3.16 33.82
C LEU C 178 -19.70 -3.85 32.46
N TYR C 179 -19.00 -4.98 32.39
CA TYR C 179 -18.81 -5.76 31.15
C TYR C 179 -19.87 -6.84 31.05
N THR C 180 -20.34 -7.06 29.82
CA THR C 180 -21.25 -8.16 29.45
C THR C 180 -20.60 -8.91 28.30
N LEU C 181 -20.58 -10.22 28.39
CA LEU C 181 -19.98 -11.15 27.41
C LEU C 181 -20.90 -12.36 27.30
N SER C 182 -21.02 -12.93 26.10
CA SER C 182 -21.76 -14.18 25.88
C SER C 182 -20.83 -15.19 25.21
N SER C 183 -21.17 -16.47 25.34
CA SER C 183 -20.48 -17.60 24.70
C SER C 183 -21.53 -18.58 24.21
N SER C 184 -21.38 -19.09 22.98
CA SER C 184 -22.28 -20.13 22.42
C SER C 184 -21.49 -21.42 22.21
N VAL C 185 -22.18 -22.54 22.33
CA VAL C 185 -21.68 -23.88 21.95
C VAL C 185 -22.79 -24.59 21.18
N THR C 186 -22.43 -25.30 20.11
CA THR C 186 -23.37 -26.05 19.26
C THR C 186 -23.06 -27.53 19.43
N VAL C 187 -24.04 -28.32 19.85
CA VAL C 187 -23.89 -29.78 20.04
C VAL C 187 -25.02 -30.47 19.28
N PRO C 188 -24.86 -31.78 18.92
CA PRO C 188 -25.94 -32.54 18.28
C PRO C 188 -27.12 -32.78 19.23
N SER C 189 -28.37 -32.75 18.76
CA SER C 189 -29.60 -32.79 19.61
C SER C 189 -29.63 -34.09 20.43
N SER C 190 -28.95 -35.14 19.96
CA SER C 190 -28.84 -36.43 20.69
C SER C 190 -28.07 -36.24 22.00
N THR C 191 -26.96 -35.48 22.00
CA THR C 191 -26.07 -35.31 23.18
C THR C 191 -26.79 -34.52 24.28
N TRP C 192 -27.59 -33.52 23.94
CA TRP C 192 -28.25 -32.62 24.92
C TRP C 192 -29.77 -32.75 24.87
N PRO C 193 -30.49 -32.90 26.01
CA PRO C 193 -29.92 -32.82 27.35
C PRO C 193 -29.54 -34.12 28.08
N SER C 194 -29.50 -35.28 27.41
CA SER C 194 -29.13 -36.57 28.03
C SER C 194 -27.69 -36.48 28.59
N GLU C 195 -26.76 -35.84 27.87
CA GLU C 195 -25.36 -35.59 28.33
C GLU C 195 -25.23 -34.13 28.80
N THR C 196 -24.54 -33.92 29.92
CA THR C 196 -24.34 -32.63 30.62
C THR C 196 -23.59 -31.62 29.74
N VAL C 197 -24.08 -30.38 29.66
CA VAL C 197 -23.31 -29.26 29.02
C VAL C 197 -23.21 -28.09 30.02
N THR C 198 -21.98 -27.70 30.31
CA THR C 198 -21.61 -26.81 31.43
C THR C 198 -20.62 -25.79 30.87
N CYS C 199 -20.90 -24.51 31.00
CA CYS C 199 -19.89 -23.46 30.71
C CYS C 199 -19.12 -23.12 31.99
N ASN C 200 -17.82 -22.89 31.82
CA ASN C 200 -16.85 -22.56 32.88
C ASN C 200 -16.40 -21.13 32.62
N VAL C 201 -16.72 -20.22 33.54
CA VAL C 201 -16.35 -18.78 33.45
C VAL C 201 -15.32 -18.50 34.54
N ALA C 202 -14.12 -18.11 34.14
CA ALA C 202 -13.04 -17.68 35.05
C ALA C 202 -12.90 -16.17 34.97
N HIS C 203 -13.03 -15.48 36.10
CA HIS C 203 -12.69 -14.03 36.25
C HIS C 203 -11.47 -13.88 37.14
N PRO C 204 -10.24 -13.84 36.60
CA PRO C 204 -9.03 -13.78 37.41
C PRO C 204 -8.99 -12.63 38.43
N ALA C 205 -9.41 -11.43 38.02
CA ALA C 205 -9.33 -10.21 38.84
C ALA C 205 -10.08 -10.39 40.16
N SER C 206 -11.10 -11.24 40.24
CA SER C 206 -11.92 -11.45 41.46
C SER C 206 -11.67 -12.84 42.03
N SER C 207 -10.77 -13.62 41.44
CA SER C 207 -10.43 -14.98 41.91
C SER C 207 -11.67 -15.88 41.95
N THR C 208 -12.51 -15.77 40.93
CA THR C 208 -13.80 -16.50 40.78
C THR C 208 -13.76 -17.39 39.55
N LYS C 209 -14.27 -18.61 39.68
CA LYS C 209 -14.66 -19.50 38.56
C LYS C 209 -16.12 -19.86 38.82
N VAL C 210 -17.01 -19.70 37.84
CA VAL C 210 -18.41 -20.19 37.90
C VAL C 210 -18.59 -21.29 36.84
N ASP C 211 -19.15 -22.42 37.25
CA ASP C 211 -19.63 -23.49 36.35
C ASP C 211 -21.17 -23.40 36.31
N LYS C 212 -21.74 -23.16 35.15
CA LYS C 212 -23.21 -23.14 35.03
C LYS C 212 -23.61 -24.29 34.10
N LYS C 213 -24.39 -25.22 34.66
CA LYS C 213 -24.92 -26.38 33.90
C LYS C 213 -26.16 -25.91 33.16
N ILE C 214 -26.23 -26.14 31.85
CA ILE C 214 -27.39 -25.70 31.03
C ILE C 214 -28.42 -26.80 31.08
N VAL C 215 -29.58 -26.52 31.68
CA VAL C 215 -30.67 -27.50 31.94
C VAL C 215 -31.92 -27.03 31.20
N PRO C 216 -32.73 -27.98 30.68
CA PRO C 216 -33.80 -27.66 29.74
C PRO C 216 -34.84 -26.63 30.20
N ASP D 4 14.51 5.86 15.40
CA ASP D 4 13.30 6.55 14.89
C ASP D 4 13.18 6.26 13.39
N ILE D 5 13.06 4.98 13.05
CA ILE D 5 12.86 4.50 11.64
C ILE D 5 11.38 4.22 11.46
N GLN D 6 10.75 4.87 10.49
CA GLN D 6 9.34 4.67 10.11
C GLN D 6 9.24 3.30 9.39
N MET D 7 8.31 2.44 9.81
CA MET D 7 8.08 1.09 9.25
C MET D 7 6.68 1.03 8.65
N THR D 8 6.56 0.89 7.35
CA THR D 8 5.28 1.07 6.61
C THR D 8 4.87 -0.27 6.01
N GLN D 9 3.73 -0.81 6.44
CA GLN D 9 3.19 -2.10 5.94
C GLN D 9 2.10 -1.87 4.91
N SER D 10 2.01 -2.72 3.91
CA SER D 10 0.93 -2.65 2.92
C SER D 10 0.61 -4.06 2.42
N PRO D 11 -0.67 -4.34 2.09
CA PRO D 11 -1.75 -3.38 2.33
C PRO D 11 -2.14 -3.33 3.81
N ALA D 12 -2.96 -2.36 4.21
CA ALA D 12 -3.55 -2.32 5.58
C ALA D 12 -4.41 -3.57 5.76
N SER D 13 -5.09 -3.99 4.72
CA SER D 13 -6.01 -5.14 4.77
C SER D 13 -6.10 -5.79 3.39
N LEU D 14 -6.48 -7.06 3.41
CA LEU D 14 -6.33 -8.01 2.31
C LEU D 14 -7.31 -9.18 2.53
N SER D 15 -8.15 -9.43 1.53
CA SER D 15 -9.09 -10.57 1.48
C SER D 15 -8.63 -11.48 0.33
N ALA D 16 -8.53 -12.80 0.57
CA ALA D 16 -8.07 -13.79 -0.44
C ALA D 16 -8.53 -15.19 -0.06
N SER D 17 -8.72 -16.04 -1.07
CA SER D 17 -9.37 -17.36 -0.98
C SER D 17 -8.35 -18.38 -0.51
N VAL D 18 -8.82 -19.42 0.19
CA VAL D 18 -8.00 -20.58 0.60
C VAL D 18 -7.27 -21.05 -0.66
N GLY D 19 -5.96 -21.23 -0.60
CA GLY D 19 -5.15 -21.78 -1.70
C GLY D 19 -4.47 -20.70 -2.54
N GLU D 20 -4.84 -19.43 -2.39
CA GLU D 20 -4.10 -18.30 -3.02
C GLU D 20 -2.79 -18.04 -2.29
N THR D 21 -1.86 -17.43 -3.00
CA THR D 21 -0.53 -17.03 -2.47
C THR D 21 -0.60 -15.52 -2.26
N VAL D 22 -0.40 -15.07 -1.03
CA VAL D 22 -0.46 -13.63 -0.71
C VAL D 22 0.96 -13.16 -0.40
N THR D 23 1.22 -11.91 -0.77
CA THR D 23 2.48 -11.19 -0.55
C THR D 23 2.13 -9.91 0.20
N ILE D 24 2.68 -9.75 1.40
CA ILE D 24 2.58 -8.54 2.26
C ILE D 24 3.95 -7.88 2.15
N THR D 25 3.97 -6.57 2.23
CA THR D 25 5.16 -5.71 2.11
C THR D 25 5.41 -4.96 3.44
N CYS D 26 6.67 -4.78 3.80
CA CYS D 26 7.11 -3.88 4.88
C CYS D 26 8.29 -3.07 4.34
N ARG D 27 8.21 -1.74 4.35
CA ARG D 27 9.32 -0.82 3.96
C ARG D 27 9.83 -0.03 5.16
N ALA D 28 11.13 -0.06 5.44
CA ALA D 28 11.80 0.76 6.48
C ALA D 28 12.24 2.10 5.83
N SER D 29 12.12 3.21 6.55
CA SER D 29 12.55 4.56 6.06
C SER D 29 14.08 4.65 6.00
N GLU D 30 14.80 3.78 6.72
CA GLU D 30 16.28 3.71 6.75
C GLU D 30 16.70 2.24 6.58
N ASN D 31 17.95 2.01 6.18
CA ASN D 31 18.58 0.66 6.06
C ASN D 31 18.57 -0.02 7.43
N ILE D 32 18.00 -1.23 7.51
CA ILE D 32 17.98 -2.08 8.73
C ILE D 32 18.64 -3.41 8.40
N TYR D 33 19.34 -3.48 7.26
CA TYR D 33 20.09 -4.70 6.85
C TYR D 33 19.09 -5.86 6.82
N SER D 34 19.38 -6.93 7.55
CA SER D 34 18.54 -8.16 7.59
C SER D 34 17.72 -8.20 8.89
N TYR D 35 17.78 -7.17 9.73
CA TYR D 35 17.23 -7.19 11.12
C TYR D 35 15.75 -6.79 11.07
N LEU D 36 14.94 -7.69 10.50
CA LEU D 36 13.50 -7.49 10.37
C LEU D 36 12.79 -8.78 10.75
N ALA D 37 11.70 -8.67 11.54
CA ALA D 37 10.89 -9.80 12.00
C ALA D 37 9.45 -9.65 11.49
N TRP D 38 8.75 -10.76 11.44
CA TRP D 38 7.31 -10.82 11.13
C TRP D 38 6.64 -11.58 12.28
N TYR D 39 5.59 -11.00 12.84
CA TYR D 39 4.72 -11.57 13.90
C TYR D 39 3.30 -11.76 13.34
N GLN D 40 2.70 -12.88 13.72
CA GLN D 40 1.24 -13.13 13.62
C GLN D 40 0.59 -12.77 14.96
N GLN D 41 -0.50 -12.00 14.89
CA GLN D 41 -1.31 -11.52 16.04
C GLN D 41 -2.77 -11.87 15.77
N LYS D 42 -3.28 -12.82 16.56
CA LYS D 42 -4.73 -13.16 16.66
C LYS D 42 -5.21 -12.70 18.04
N GLN D 43 -6.50 -12.35 18.18
CA GLN D 43 -7.01 -11.63 19.38
C GLN D 43 -6.89 -12.55 20.61
N GLY D 44 -6.44 -11.97 21.73
CA GLY D 44 -6.40 -12.61 23.06
C GLY D 44 -5.09 -13.33 23.33
N LYS D 45 -4.17 -13.32 22.37
CA LYS D 45 -2.97 -14.21 22.32
C LYS D 45 -1.70 -13.38 22.22
N SER D 46 -0.58 -13.88 22.74
CA SER D 46 0.77 -13.28 22.50
C SER D 46 1.09 -13.28 21.00
N PRO D 47 1.71 -12.22 20.47
CA PRO D 47 2.23 -12.24 19.10
C PRO D 47 3.13 -13.46 18.88
N GLN D 48 2.93 -14.18 17.78
CA GLN D 48 3.68 -15.41 17.45
C GLN D 48 4.72 -15.06 16.38
N LEU D 49 6.01 -15.22 16.69
CA LEU D 49 7.13 -14.97 15.74
C LEU D 49 6.96 -15.90 14.52
N LEU D 50 6.90 -15.36 13.31
CA LEU D 50 6.93 -16.18 12.07
C LEU D 50 8.34 -16.24 11.48
N VAL D 51 9.00 -15.08 11.40
CA VAL D 51 10.26 -14.89 10.64
C VAL D 51 11.14 -13.90 11.40
N TYR D 52 12.42 -14.19 11.53
CA TYR D 52 13.44 -13.23 12.04
C TYR D 52 14.61 -13.19 11.03
N ASN D 53 15.46 -12.17 11.12
CA ASN D 53 16.61 -11.94 10.20
C ASN D 53 16.06 -12.00 8.77
N ALA D 54 14.88 -11.42 8.53
CA ALA D 54 14.23 -11.20 7.22
C ALA D 54 13.74 -12.52 6.54
N LYS D 55 14.48 -13.63 6.64
CA LYS D 55 14.22 -14.88 5.84
C LYS D 55 14.13 -16.12 6.73
N THR D 56 14.51 -16.08 8.01
CA THR D 56 14.56 -17.31 8.86
C THR D 56 13.20 -17.60 9.54
N LEU D 57 12.58 -18.73 9.19
CA LEU D 57 11.38 -19.29 9.86
C LEU D 57 11.68 -19.60 11.34
N ALA D 58 10.83 -19.12 12.25
CA ALA D 58 10.85 -19.51 13.68
C ALA D 58 10.44 -20.97 13.84
N GLU D 59 10.96 -21.66 14.87
CA GLU D 59 10.55 -23.03 15.30
C GLU D 59 9.03 -23.20 15.16
N GLY D 60 8.59 -24.19 14.39
CA GLY D 60 7.18 -24.60 14.33
C GLY D 60 6.39 -23.94 13.22
N VAL D 61 6.92 -22.91 12.57
CA VAL D 61 6.13 -22.14 11.57
C VAL D 61 6.05 -22.97 10.29
N PRO D 62 4.85 -23.18 9.71
CA PRO D 62 4.73 -23.93 8.44
C PRO D 62 5.62 -23.34 7.34
N SER D 63 6.13 -24.20 6.47
CA SER D 63 7.08 -23.81 5.40
C SER D 63 6.37 -23.01 4.29
N ARG D 64 5.04 -22.88 4.30
CA ARG D 64 4.30 -22.09 3.27
C ARG D 64 4.55 -20.58 3.50
N PHE D 65 5.05 -20.22 4.68
CA PHE D 65 5.57 -18.88 5.02
C PHE D 65 7.01 -18.78 4.55
N SER D 66 7.34 -17.71 3.85
CA SER D 66 8.74 -17.27 3.60
C SER D 66 8.83 -15.74 3.67
N GLY D 67 9.86 -15.27 4.38
CA GLY D 67 10.27 -13.86 4.37
C GLY D 67 11.38 -13.68 3.36
N SER D 68 11.53 -12.48 2.84
CA SER D 68 12.57 -12.08 1.88
C SER D 68 12.83 -10.58 2.08
N GLY D 69 14.01 -10.10 1.66
CA GLY D 69 14.37 -8.69 1.64
C GLY D 69 15.55 -8.38 2.55
N SER D 70 16.08 -7.17 2.40
CA SER D 70 17.21 -6.60 3.19
C SER D 70 17.35 -5.13 2.80
N GLY D 71 17.93 -4.33 3.67
CA GLY D 71 17.95 -2.86 3.51
C GLY D 71 16.65 -2.24 3.97
N THR D 72 15.80 -1.84 3.04
CA THR D 72 14.55 -1.10 3.35
C THR D 72 13.34 -1.85 2.80
N GLN D 73 13.53 -2.95 2.08
CA GLN D 73 12.48 -3.57 1.22
C GLN D 73 12.25 -5.03 1.66
N PHE D 74 11.12 -5.33 2.31
CA PHE D 74 10.87 -6.68 2.89
C PHE D 74 9.48 -7.17 2.49
N SER D 75 9.34 -8.49 2.46
CA SER D 75 8.08 -9.13 2.01
C SER D 75 7.89 -10.43 2.78
N LEU D 76 6.66 -10.70 3.20
CA LEU D 76 6.23 -12.01 3.70
C LEU D 76 5.24 -12.61 2.67
N LYS D 77 5.54 -13.84 2.23
CA LYS D 77 4.65 -14.62 1.32
C LYS D 77 4.04 -15.76 2.15
N ILE D 78 2.74 -15.98 2.00
CA ILE D 78 2.02 -17.19 2.44
C ILE D 78 1.54 -17.91 1.16
N ASN D 79 2.22 -19.01 0.84
CA ASN D 79 1.82 -19.96 -0.23
C ASN D 79 0.59 -20.74 0.27
N SER D 80 -0.39 -20.97 -0.61
CA SER D 80 -1.57 -21.83 -0.31
C SER D 80 -2.21 -21.47 1.04
N LEU D 81 -2.88 -20.33 1.04
CA LEU D 81 -3.60 -19.71 2.17
C LEU D 81 -4.53 -20.72 2.84
N GLN D 82 -4.44 -20.89 4.16
CA GLN D 82 -5.34 -21.79 4.93
C GLN D 82 -6.17 -20.99 5.93
N PRO D 83 -7.30 -21.53 6.44
CA PRO D 83 -8.19 -20.76 7.28
C PRO D 83 -7.44 -20.27 8.52
N GLU D 84 -6.46 -21.03 9.03
CA GLU D 84 -5.73 -20.64 10.26
C GLU D 84 -4.80 -19.46 9.96
N ASP D 85 -4.66 -19.04 8.70
CA ASP D 85 -3.74 -17.94 8.35
C ASP D 85 -4.41 -16.58 8.60
N PHE D 86 -5.67 -16.56 9.00
CA PHE D 86 -6.39 -15.28 9.27
C PHE D 86 -5.66 -14.59 10.41
N GLY D 87 -5.76 -13.27 10.46
CA GLY D 87 -5.22 -12.48 11.55
C GLY D 87 -4.50 -11.26 11.06
N SER D 88 -3.70 -10.70 11.96
CA SER D 88 -2.92 -9.48 11.73
C SER D 88 -1.45 -9.89 11.69
N TYR D 89 -0.74 -9.33 10.71
CA TYR D 89 0.71 -9.57 10.52
C TYR D 89 1.41 -8.24 10.74
N TYR D 90 2.38 -8.25 11.66
CA TYR D 90 3.19 -7.08 12.03
C TYR D 90 4.66 -7.37 11.71
N CYS D 91 5.32 -6.48 10.96
CA CYS D 91 6.80 -6.44 10.91
C CYS D 91 7.30 -5.58 12.08
N GLN D 92 8.48 -5.92 12.53
CA GLN D 92 9.24 -5.16 13.54
C GLN D 92 10.72 -5.33 13.19
N HIS D 93 11.47 -4.24 13.13
CA HIS D 93 12.96 -4.30 12.99
C HIS D 93 13.58 -4.58 14.36
N HIS D 94 14.71 -5.30 14.37
CA HIS D 94 15.61 -5.51 15.55
C HIS D 94 17.02 -4.99 15.22
N TYR D 95 17.08 -3.78 14.64
CA TYR D 95 18.31 -3.06 14.25
C TYR D 95 18.88 -2.31 15.46
N GLY D 96 18.05 -1.46 16.07
CA GLY D 96 18.32 -0.78 17.35
C GLY D 96 17.07 -0.10 17.89
N THR D 97 17.17 0.39 19.13
CA THR D 97 16.06 1.09 19.85
C THR D 97 15.74 2.34 19.05
N PRO D 98 14.45 2.74 18.92
CA PRO D 98 13.32 1.93 19.38
C PRO D 98 13.03 0.86 18.31
N TYR D 99 12.65 -0.33 18.75
CA TYR D 99 12.39 -1.49 17.86
C TYR D 99 10.97 -1.36 17.28
N THR D 100 10.76 -0.52 16.28
CA THR D 100 9.38 -0.04 15.96
C THR D 100 8.65 -1.11 15.12
N PHE D 101 7.34 -1.19 15.31
CA PHE D 101 6.43 -2.12 14.60
C PHE D 101 5.82 -1.40 13.41
N GLY D 102 5.50 -2.12 12.34
CA GLY D 102 4.59 -1.60 11.29
C GLY D 102 3.18 -1.48 11.82
N GLY D 103 2.28 -0.91 11.02
CA GLY D 103 0.86 -0.67 11.36
C GLY D 103 0.02 -1.93 11.21
N GLY D 104 0.63 -2.99 10.71
CA GLY D 104 -0.02 -4.29 10.56
C GLY D 104 -0.75 -4.40 9.23
N THR D 105 -0.97 -5.65 8.85
CA THR D 105 -1.85 -6.06 7.73
C THR D 105 -2.92 -7.03 8.27
N LYS D 106 -4.19 -6.76 8.05
CA LYS D 106 -5.26 -7.71 8.39
C LYS D 106 -5.49 -8.59 7.16
N LEU D 107 -5.37 -9.90 7.36
CA LEU D 107 -5.65 -10.89 6.32
C LEU D 107 -6.97 -11.57 6.65
N GLU D 108 -7.99 -11.34 5.81
CA GLU D 108 -9.31 -12.03 5.83
C GLU D 108 -9.26 -13.16 4.78
N ILE D 109 -9.73 -14.35 5.13
CA ILE D 109 -9.87 -15.48 4.21
C ILE D 109 -11.24 -15.39 3.53
N LYS D 110 -11.30 -15.31 2.20
CA LYS D 110 -12.58 -15.37 1.44
C LYS D 110 -13.06 -16.82 1.46
N ARG D 111 -14.37 -17.03 1.37
CA ARG D 111 -14.96 -18.39 1.32
C ARG D 111 -16.39 -18.29 0.80
N ALA D 112 -17.05 -19.43 0.60
CA ALA D 112 -18.46 -19.49 0.14
C ALA D 112 -19.33 -18.67 1.09
N ASP D 113 -20.33 -18.00 0.52
CA ASP D 113 -21.46 -17.44 1.29
C ASP D 113 -22.02 -18.51 2.23
N ALA D 114 -22.40 -18.08 3.43
CA ALA D 114 -22.99 -18.94 4.47
C ALA D 114 -23.97 -18.08 5.26
N ALA D 115 -25.17 -18.62 5.43
CA ALA D 115 -26.29 -17.95 6.13
C ALA D 115 -26.09 -18.15 7.62
N PRO D 116 -26.44 -17.14 8.45
CA PRO D 116 -26.30 -17.26 9.90
C PRO D 116 -27.29 -18.32 10.38
N THR D 117 -26.84 -19.19 11.29
CA THR D 117 -27.69 -19.99 12.20
C THR D 117 -28.05 -19.07 13.36
N VAL D 118 -29.33 -18.75 13.49
CA VAL D 118 -29.85 -17.75 14.44
C VAL D 118 -30.53 -18.50 15.57
N SER D 119 -30.17 -18.16 16.80
CA SER D 119 -30.90 -18.68 17.98
C SER D 119 -31.13 -17.54 18.96
N ILE D 120 -32.34 -17.50 19.51
CA ILE D 120 -32.78 -16.47 20.48
C ILE D 120 -33.00 -17.15 21.83
N PHE D 121 -32.64 -16.50 22.92
CA PHE D 121 -32.78 -17.03 24.28
C PHE D 121 -33.48 -16.02 25.16
N PRO D 122 -34.54 -16.45 25.89
CA PRO D 122 -35.17 -15.61 26.89
C PRO D 122 -34.27 -15.41 28.11
N PRO D 123 -34.53 -14.39 28.94
CA PRO D 123 -33.85 -14.24 30.22
C PRO D 123 -34.00 -15.51 31.04
N SER D 124 -32.93 -15.99 31.66
CA SER D 124 -32.97 -17.07 32.67
C SER D 124 -33.81 -16.59 33.85
N SER D 125 -34.35 -17.53 34.60
CA SER D 125 -35.06 -17.25 35.85
C SER D 125 -34.06 -16.66 36.86
N GLU D 126 -32.83 -17.15 36.88
CA GLU D 126 -31.74 -16.60 37.70
C GLU D 126 -31.66 -15.09 37.49
N GLN D 127 -31.60 -14.61 36.24
CA GLN D 127 -31.44 -13.16 36.00
C GLN D 127 -32.71 -12.42 36.44
N LEU D 128 -33.89 -12.99 36.17
CA LEU D 128 -35.17 -12.34 36.53
C LEU D 128 -35.23 -12.17 38.05
N THR D 129 -34.69 -13.09 38.84
CA THR D 129 -34.75 -12.97 40.33
C THR D 129 -33.83 -11.84 40.77
N SER D 130 -32.87 -11.41 39.96
CA SER D 130 -31.97 -10.28 40.31
C SER D 130 -32.56 -8.95 39.83
N GLY D 131 -33.70 -8.96 39.11
CA GLY D 131 -34.32 -7.72 38.64
C GLY D 131 -33.86 -7.27 37.26
N GLY D 132 -33.02 -8.03 36.56
CA GLY D 132 -32.62 -7.77 35.15
C GLY D 132 -33.30 -8.74 34.18
N ALA D 133 -33.38 -8.36 32.91
CA ALA D 133 -33.84 -9.22 31.80
C ALA D 133 -33.00 -8.93 30.55
N SER D 134 -32.25 -9.92 30.07
CA SER D 134 -31.39 -9.86 28.88
C SER D 134 -31.92 -10.90 27.90
N VAL D 135 -32.24 -10.47 26.69
CA VAL D 135 -32.68 -11.37 25.60
C VAL D 135 -31.49 -11.45 24.66
N VAL D 136 -31.02 -12.66 24.39
CA VAL D 136 -29.75 -12.88 23.65
C VAL D 136 -30.07 -13.55 22.33
N CYS D 137 -29.49 -13.03 21.26
CA CYS D 137 -29.60 -13.62 19.92
C CYS D 137 -28.20 -13.90 19.38
N PHE D 138 -27.92 -15.15 19.04
CA PHE D 138 -26.66 -15.56 18.38
C PHE D 138 -26.98 -15.70 16.90
N LEU D 139 -26.11 -15.11 16.08
CA LEU D 139 -26.09 -15.23 14.61
C LEU D 139 -24.75 -15.87 14.27
N ASN D 140 -24.72 -17.20 14.11
CA ASN D 140 -23.48 -17.97 14.09
C ASN D 140 -23.13 -18.46 12.67
N ASN D 141 -21.84 -18.39 12.35
CA ASN D 141 -21.21 -19.13 11.23
C ASN D 141 -21.78 -18.60 9.92
N PHE D 142 -21.63 -17.30 9.69
CA PHE D 142 -22.07 -16.65 8.44
C PHE D 142 -20.85 -16.06 7.74
N TYR D 143 -20.95 -15.94 6.42
CA TYR D 143 -19.99 -15.24 5.52
C TYR D 143 -20.78 -14.66 4.37
N PRO D 144 -20.54 -13.41 3.93
CA PRO D 144 -19.50 -12.53 4.48
C PRO D 144 -19.95 -11.72 5.71
N LYS D 145 -19.04 -10.87 6.21
CA LYS D 145 -19.11 -10.20 7.54
C LYS D 145 -20.39 -9.38 7.66
N ASP D 146 -20.88 -8.81 6.57
CA ASP D 146 -21.96 -7.79 6.60
C ASP D 146 -23.29 -8.47 7.00
N ILE D 147 -23.88 -8.02 8.09
CA ILE D 147 -25.17 -8.55 8.61
C ILE D 147 -25.89 -7.42 9.32
N ASN D 148 -27.22 -7.48 9.33
CA ASN D 148 -28.07 -6.51 10.07
C ASN D 148 -28.94 -7.28 11.06
N VAL D 149 -29.05 -6.77 12.29
CA VAL D 149 -29.94 -7.35 13.34
C VAL D 149 -30.97 -6.28 13.75
N LYS D 150 -32.23 -6.68 13.76
CA LYS D 150 -33.39 -5.84 14.16
C LYS D 150 -34.08 -6.60 15.29
N TRP D 151 -34.16 -5.99 16.47
CA TRP D 151 -35.00 -6.45 17.59
C TRP D 151 -36.43 -5.91 17.41
N LYS D 152 -37.42 -6.72 17.70
CA LYS D 152 -38.84 -6.27 17.75
C LYS D 152 -39.44 -6.71 19.09
N ILE D 153 -40.17 -5.79 19.72
CA ILE D 153 -40.96 -6.06 20.95
C ILE D 153 -42.42 -5.88 20.57
N ASP D 154 -43.21 -6.94 20.77
CA ASP D 154 -44.65 -6.96 20.41
C ASP D 154 -44.79 -6.45 18.97
N GLY D 155 -43.96 -6.95 18.06
CA GLY D 155 -44.09 -6.73 16.61
C GLY D 155 -43.59 -5.36 16.14
N SER D 156 -43.05 -4.55 17.03
CA SER D 156 -42.59 -3.18 16.67
C SER D 156 -41.12 -2.96 17.11
N GLU D 157 -40.32 -2.34 16.25
CA GLU D 157 -38.83 -2.27 16.34
C GLU D 157 -38.37 -1.58 17.63
N ARG D 158 -37.25 -2.04 18.17
CA ARG D 158 -36.63 -1.53 19.41
C ARG D 158 -35.13 -1.38 19.14
N GLN D 159 -34.52 -0.22 19.41
CA GLN D 159 -33.06 0.03 19.18
C GLN D 159 -32.34 0.44 20.48
N ASN D 160 -33.08 0.84 21.51
CA ASN D 160 -32.51 1.16 22.84
C ASN D 160 -32.35 -0.15 23.62
N GLY D 161 -31.19 -0.32 24.26
CA GLY D 161 -30.87 -1.45 25.15
C GLY D 161 -30.10 -2.55 24.42
N VAL D 162 -29.74 -2.31 23.14
CA VAL D 162 -29.16 -3.33 22.24
C VAL D 162 -27.63 -3.18 22.20
N LEU D 163 -26.91 -4.24 22.54
CA LEU D 163 -25.45 -4.34 22.47
C LEU D 163 -25.12 -5.48 21.51
N ASN D 164 -24.16 -5.24 20.64
CA ASN D 164 -23.72 -6.19 19.59
C ASN D 164 -22.22 -6.38 19.74
N SER D 165 -21.74 -7.61 19.57
CA SER D 165 -20.30 -7.86 19.33
C SER D 165 -20.13 -9.02 18.32
N TRP D 166 -19.06 -8.91 17.53
CA TRP D 166 -18.67 -9.82 16.42
C TRP D 166 -17.45 -10.60 16.90
N THR D 167 -17.36 -11.88 16.59
CA THR D 167 -16.09 -12.64 16.72
C THR D 167 -15.12 -12.21 15.61
N ASP D 168 -13.84 -12.50 15.82
CA ASP D 168 -12.85 -12.66 14.73
C ASP D 168 -13.36 -13.72 13.77
N GLN D 169 -12.78 -13.76 12.57
CA GLN D 169 -12.93 -14.91 11.63
C GLN D 169 -12.47 -16.20 12.32
N ASP D 170 -13.24 -17.27 12.13
CA ASP D 170 -12.97 -18.58 12.75
C ASP D 170 -11.76 -19.21 12.05
N SER D 171 -10.86 -19.77 12.84
CA SER D 171 -9.55 -20.27 12.40
C SER D 171 -9.71 -21.55 11.58
N LYS D 172 -10.89 -22.19 11.57
CA LYS D 172 -11.07 -23.47 10.85
C LYS D 172 -12.03 -23.28 9.65
N ASP D 173 -13.13 -22.54 9.79
CA ASP D 173 -14.19 -22.50 8.76
C ASP D 173 -14.32 -21.10 8.15
N SER D 174 -13.51 -20.14 8.60
CA SER D 174 -13.41 -18.78 8.03
C SER D 174 -14.72 -18.01 8.11
N THR D 175 -15.65 -18.43 8.96
CA THR D 175 -16.93 -17.68 9.18
C THR D 175 -16.81 -16.63 10.30
N TYR D 176 -17.78 -15.73 10.31
CA TYR D 176 -18.01 -14.70 11.34
C TYR D 176 -19.21 -15.17 12.17
N SER D 177 -19.22 -14.85 13.47
CA SER D 177 -20.39 -14.98 14.37
C SER D 177 -20.64 -13.63 15.02
N MET D 178 -21.86 -13.41 15.49
CA MET D 178 -22.27 -12.12 16.11
C MET D 178 -23.27 -12.42 17.23
N SER D 179 -23.18 -11.66 18.31
CA SER D 179 -24.13 -11.70 19.46
C SER D 179 -24.84 -10.36 19.58
N SER D 180 -26.17 -10.38 19.68
CA SER D 180 -27.00 -9.21 20.00
C SER D 180 -27.76 -9.50 21.29
N THR D 181 -27.59 -8.63 22.30
CA THR D 181 -28.30 -8.68 23.59
C THR D 181 -29.21 -7.44 23.68
N LEU D 182 -30.48 -7.64 23.94
CA LEU D 182 -31.44 -6.58 24.31
C LEU D 182 -31.54 -6.61 25.83
N THR D 183 -31.05 -5.58 26.51
CA THR D 183 -31.03 -5.54 28.00
C THR D 183 -32.19 -4.65 28.45
N LEU D 184 -33.08 -5.20 29.27
CA LEU D 184 -34.28 -4.51 29.82
C LEU D 184 -34.24 -4.65 31.34
N THR D 185 -35.10 -3.93 32.05
CA THR D 185 -35.47 -4.23 33.45
C THR D 185 -36.43 -5.42 33.42
N LYS D 186 -36.51 -6.19 34.50
CA LYS D 186 -37.53 -7.23 34.65
C LYS D 186 -38.90 -6.58 34.40
N ASP D 187 -39.12 -5.35 34.92
CA ASP D 187 -40.46 -4.70 34.85
C ASP D 187 -40.79 -4.45 33.37
N GLU D 188 -39.85 -3.92 32.61
CA GLU D 188 -40.12 -3.61 31.19
C GLU D 188 -40.34 -4.95 30.46
N TYR D 189 -39.53 -5.96 30.76
CA TYR D 189 -39.59 -7.27 30.04
C TYR D 189 -40.98 -7.88 30.27
N GLU D 190 -41.59 -7.67 31.43
CA GLU D 190 -42.86 -8.35 31.80
C GLU D 190 -44.08 -7.56 31.30
N ARG D 191 -43.90 -6.38 30.69
CA ARG D 191 -44.97 -5.52 30.12
C ARG D 191 -45.18 -5.86 28.63
N HIS D 192 -44.39 -6.81 28.10
CA HIS D 192 -44.47 -7.26 26.69
C HIS D 192 -44.38 -8.79 26.62
N ASN D 193 -44.88 -9.34 25.53
CA ASN D 193 -44.97 -10.79 25.31
C ASN D 193 -43.97 -11.25 24.24
N SER D 194 -43.92 -10.58 23.09
CA SER D 194 -43.24 -11.14 21.90
C SER D 194 -41.87 -10.50 21.76
N TYR D 195 -40.82 -11.30 21.78
CA TYR D 195 -39.41 -10.85 21.56
C TYR D 195 -38.90 -11.55 20.30
N THR D 196 -38.43 -10.76 19.36
CA THR D 196 -38.06 -11.23 18.01
C THR D 196 -36.72 -10.64 17.61
N CYS D 197 -35.86 -11.52 17.12
CA CYS D 197 -34.55 -11.24 16.51
C CYS D 197 -34.67 -11.52 15.01
N GLU D 198 -34.40 -10.50 14.18
CA GLU D 198 -34.49 -10.58 12.70
C GLU D 198 -33.11 -10.29 12.10
N ALA D 199 -32.54 -11.27 11.39
CA ALA D 199 -31.25 -11.10 10.68
C ALA D 199 -31.53 -10.94 9.19
N THR D 200 -30.94 -9.91 8.58
CA THR D 200 -30.85 -9.80 7.10
C THR D 200 -29.38 -9.97 6.72
N HIS D 201 -29.12 -10.97 5.90
CA HIS D 201 -27.79 -11.31 5.34
C HIS D 201 -27.96 -11.47 3.83
N LYS D 202 -26.88 -11.27 3.06
CA LYS D 202 -26.96 -11.31 1.57
C LYS D 202 -27.40 -12.72 1.09
N THR D 203 -27.26 -13.76 1.90
CA THR D 203 -27.66 -15.16 1.54
C THR D 203 -29.18 -15.33 1.47
N SER D 204 -29.98 -14.27 1.69
CA SER D 204 -31.45 -14.32 1.50
C SER D 204 -32.06 -12.93 1.32
N THR D 205 -33.14 -12.85 0.54
CA THR D 205 -33.95 -11.63 0.29
C THR D 205 -34.71 -11.29 1.57
N SER D 206 -35.38 -12.29 2.15
CA SER D 206 -36.24 -12.16 3.36
C SER D 206 -35.43 -12.40 4.62
N PRO D 207 -35.77 -11.74 5.76
CA PRO D 207 -34.93 -11.79 6.95
C PRO D 207 -35.08 -13.15 7.64
N ILE D 208 -34.05 -13.61 8.35
CA ILE D 208 -34.16 -14.83 9.22
C ILE D 208 -34.70 -14.38 10.57
N VAL D 209 -35.75 -15.04 11.03
CA VAL D 209 -36.63 -14.55 12.13
C VAL D 209 -36.63 -15.61 13.22
N LYS D 210 -36.26 -15.21 14.42
CA LYS D 210 -36.31 -16.09 15.61
C LYS D 210 -37.04 -15.30 16.69
N SER D 211 -38.02 -15.92 17.34
CA SER D 211 -38.89 -15.23 18.31
C SER D 211 -39.36 -16.17 19.40
N PHE D 212 -39.64 -15.63 20.57
CA PHE D 212 -40.37 -16.37 21.62
C PHE D 212 -41.45 -15.42 22.15
N ASN D 213 -42.38 -16.00 22.87
CA ASN D 213 -43.53 -15.29 23.43
C ASN D 213 -43.67 -15.72 24.89
N ARG D 214 -43.37 -14.83 25.82
CA ARG D 214 -43.68 -14.95 27.28
C ARG D 214 -45.17 -15.20 27.59
N GLY E 1 -5.34 -23.11 -28.04
CA GLY E 1 -6.78 -23.48 -28.17
C GLY E 1 -7.30 -22.98 -29.51
N ALA E 2 -8.50 -22.40 -29.51
CA ALA E 2 -9.11 -21.95 -30.80
C ALA E 2 -8.40 -20.70 -31.38
N SER E 3 -8.19 -19.70 -30.46
CA SER E 3 -7.57 -18.41 -30.82
C SER E 3 -7.24 -17.61 -29.55
N THR E 4 -6.09 -16.92 -29.57
CA THR E 4 -5.73 -16.17 -28.36
C THR E 4 -6.75 -14.99 -28.18
N GLY E 5 -7.11 -14.70 -26.92
CA GLY E 5 -8.01 -13.56 -26.65
C GLY E 5 -8.95 -13.90 -25.56
N SER E 6 -9.86 -14.87 -25.78
CA SER E 6 -10.79 -15.24 -24.70
C SER E 6 -10.62 -16.72 -24.24
N PRO E 7 -9.51 -17.02 -23.49
CA PRO E 7 -8.29 -16.23 -22.96
C PRO E 7 -7.22 -16.23 -23.86
N GLY F 1 29.34 -7.30 17.65
CA GLY F 1 29.89 -8.55 18.21
C GLY F 1 29.63 -8.47 19.71
N ALA F 2 30.04 -9.57 20.41
CA ALA F 2 29.81 -9.79 21.86
C ALA F 2 28.24 -9.93 22.01
N SER F 3 27.54 -8.80 22.25
CA SER F 3 26.06 -8.84 22.47
C SER F 3 25.11 -7.96 21.56
N THR F 4 23.93 -8.59 21.29
CA THR F 4 22.78 -8.10 20.42
C THR F 4 22.07 -6.80 20.89
N GLY F 5 21.51 -5.98 19.96
CA GLY F 5 20.88 -4.69 20.42
C GLY F 5 21.36 -3.68 19.42
N SER F 6 22.67 -3.74 19.23
CA SER F 6 23.47 -3.10 18.19
C SER F 6 24.23 -4.38 17.74
N PRO F 7 23.52 -5.33 17.01
CA PRO F 7 23.98 -6.69 16.50
C PRO F 7 25.39 -6.87 16.46
C1 GOL G . 14.65 -4.31 -19.65
O1 GOL G . 13.91 -3.25 -20.25
C2 GOL G . 15.45 -3.80 -18.45
O2 GOL G . 16.80 -3.59 -18.83
C3 GOL G . 14.89 -2.52 -17.87
O3 GOL G . 15.46 -2.21 -16.61
C1 GOL H . -21.34 -9.56 24.41
O1 GOL H . -21.40 -10.93 23.99
C2 GOL H . -22.72 -8.96 24.42
O2 GOL H . -23.58 -9.76 25.22
C3 GOL H . -23.27 -8.78 23.02
O3 GOL H . -24.56 -9.38 22.83
O5 A2G I . -10.07 -15.23 -32.46
C1 A2G I . -8.72 -15.65 -33.06
C2 A2G I . -8.02 -14.42 -33.56
N2 A2G I . -6.69 -14.80 -34.06
C3 A2G I . -7.94 -13.38 -32.39
O3 A2G I . -7.28 -12.19 -32.80
C4 A2G I . -9.32 -12.99 -31.84
O4 A2G I . -10.08 -12.19 -32.85
C5 A2G I . -10.06 -14.25 -31.41
C6 A2G I . -11.51 -13.96 -31.06
O6 A2G I . -12.22 -15.15 -30.64
C7 A2G I . -6.21 -14.31 -35.18
O7 A2G I . -6.84 -13.57 -35.92
C8 A2G I . -4.80 -14.72 -35.53
O5 A2G J . -2.01 -13.98 -29.98
C1 A2G J . -3.31 -13.66 -29.50
C2 A2G J . -3.85 -12.54 -30.39
N2 A2G J . -5.18 -12.25 -29.96
C3 A2G J . -3.91 -13.00 -31.86
O3 A2G J . -4.53 -12.00 -32.67
C4 A2G J . -2.49 -13.33 -32.30
O4 A2G J . -1.66 -12.17 -32.21
C5 A2G J . -1.97 -14.43 -31.36
C6 A2G J . -0.54 -14.83 -31.82
O6 A2G J . 0.05 -15.75 -30.91
C7 A2G J . -5.51 -10.98 -29.64
O7 A2G J . -4.73 -10.01 -29.68
C8 A2G J . -6.96 -10.84 -29.20
O5 A2G K . 24.79 -6.13 24.94
C1 A2G K . 24.64 -7.44 25.47
C2 A2G K . 23.39 -7.59 26.33
N2 A2G K . 23.28 -9.02 26.62
C3 A2G K . 22.19 -7.14 25.55
O3 A2G K . 20.97 -7.50 26.22
C4 A2G K . 22.29 -5.65 25.31
O4 A2G K . 22.15 -4.99 26.56
C5 A2G K . 23.66 -5.40 24.49
C6 A2G K . 24.24 -3.98 24.48
O6 A2G K . 23.29 -3.10 23.93
C7 A2G K . 22.97 -9.47 27.83
O7 A2G K . 22.75 -8.75 28.81
C8 A2G K . 22.91 -10.98 27.86
O5 A2G L . 20.09 -11.60 22.01
C1 A2G L . 20.11 -10.09 21.99
C2 A2G L . 19.50 -9.54 23.26
N2 A2G L . 19.49 -8.04 23.24
C3 A2G L . 20.26 -10.07 24.48
O3 A2G L . 19.80 -9.52 25.70
C4 A2G L . 20.13 -11.59 24.50
O4 A2G L . 18.77 -11.98 24.64
C5 A2G L . 20.74 -12.18 23.16
C6 A2G L . 20.71 -13.73 23.28
O6 A2G L . 20.67 -14.40 22.03
C7 A2G L . 18.33 -7.35 23.40
O7 A2G L . 17.21 -7.87 23.50
C8 A2G L . 18.48 -5.85 23.46
#